data_1RDH
# 
_entry.id   1RDH 
# 
_audit_conform.dict_name       mmcif_pdbx.dic 
_audit_conform.dict_version    5.386 
_audit_conform.dict_location   http://mmcif.pdb.org/dictionaries/ascii/mmcif_pdbx.dic 
# 
loop_
_database_2.database_id 
_database_2.database_code 
_database_2.pdbx_database_accession 
_database_2.pdbx_DOI 
PDB   1RDH         pdb_00001rdh 10.2210/pdb1rdh/pdb 
WWPDB D_1000176033 ?            ?                   
# 
loop_
_pdbx_audit_revision_history.ordinal 
_pdbx_audit_revision_history.data_content_type 
_pdbx_audit_revision_history.major_revision 
_pdbx_audit_revision_history.minor_revision 
_pdbx_audit_revision_history.revision_date 
1 'Structure model' 1 0 1994-05-31 
2 'Structure model' 1 1 2008-03-24 
3 'Structure model' 1 2 2011-07-13 
4 'Structure model' 1 3 2017-11-29 
5 'Structure model' 1 4 2024-02-14 
# 
_pdbx_audit_revision_details.ordinal             1 
_pdbx_audit_revision_details.revision_ordinal    1 
_pdbx_audit_revision_details.data_content_type   'Structure model' 
_pdbx_audit_revision_details.provider            repository 
_pdbx_audit_revision_details.type                'Initial release' 
_pdbx_audit_revision_details.description         ? 
_pdbx_audit_revision_details.details             ? 
# 
loop_
_pdbx_audit_revision_group.ordinal 
_pdbx_audit_revision_group.revision_ordinal 
_pdbx_audit_revision_group.data_content_type 
_pdbx_audit_revision_group.group 
1 2 'Structure model' 'Version format compliance' 
2 3 'Structure model' 'Version format compliance' 
3 4 'Structure model' 'Derived calculations'      
4 4 'Structure model' Other                       
5 5 'Structure model' 'Data collection'           
6 5 'Structure model' 'Database references'       
# 
loop_
_pdbx_audit_revision_category.ordinal 
_pdbx_audit_revision_category.revision_ordinal 
_pdbx_audit_revision_category.data_content_type 
_pdbx_audit_revision_category.category 
1 4 'Structure model' pdbx_database_status 
2 4 'Structure model' struct_conf          
3 4 'Structure model' struct_conf_type     
4 5 'Structure model' chem_comp_atom       
5 5 'Structure model' chem_comp_bond       
6 5 'Structure model' database_2           
# 
loop_
_pdbx_audit_revision_item.ordinal 
_pdbx_audit_revision_item.revision_ordinal 
_pdbx_audit_revision_item.data_content_type 
_pdbx_audit_revision_item.item 
1 4 'Structure model' '_pdbx_database_status.process_site'  
2 5 'Structure model' '_database_2.pdbx_DOI'                
3 5 'Structure model' '_database_2.pdbx_database_accession' 
# 
_pdbx_database_status.status_code                     REL 
_pdbx_database_status.entry_id                        1RDH 
_pdbx_database_status.recvd_initial_deposition_date   1993-03-05 
_pdbx_database_status.deposit_site                    ? 
_pdbx_database_status.process_site                    BNL 
_pdbx_database_status.status_code_sf                  REL 
_pdbx_database_status.status_code_mr                  ? 
_pdbx_database_status.SG_entry                        ? 
_pdbx_database_status.pdb_format_compatible           Y 
_pdbx_database_status.status_code_cs                  ? 
_pdbx_database_status.methods_development_category    ? 
_pdbx_database_status.status_code_nmr_data            ? 
# 
loop_
_audit_author.name 
_audit_author.pdbx_ordinal 
'Finzel, B.C.'      1 
'Chattopadhyay, D.' 2 
'Einspahr, H.M.'    3 
# 
loop_
_citation.id 
_citation.title 
_citation.journal_abbrev 
_citation.journal_volume 
_citation.page_first 
_citation.page_last 
_citation.year 
_citation.journal_id_ASTM 
_citation.country 
_citation.journal_id_ISSN 
_citation.journal_id_CSD 
_citation.book_publisher 
_citation.pdbx_database_id_PubMed 
_citation.pdbx_database_id_DOI 
primary 
;Crystallographic analyses of an active HIV-1 ribonuclease H domain show structural features that distinguish it from the inactive form.
;
'Acta Crystallogr.,Sect.D' 49  423   427 1993 ABCRE6 DK 0907-4449 0766 ? 15299518 10.1107/S0907444993002409 
1       'Crystal Structure of the Ribonuclease H Domain of HIV-1 Reverse Transcriptase' Science                    252 88    ?   
1991 SCIEAS US 0036-8075 0038 ? ?        ?                         
2       'A Recombinant Ribonuclease H Domain of HIV-1 Reverse Transcriptase that is Enzymatically Active' J.Biol.Chem. 266 20583 ? 
1991 JBCHA3 US 0021-9258 0071 ? ?        ?                         
# 
loop_
_citation_author.citation_id 
_citation_author.name 
_citation_author.ordinal 
_citation_author.identifier_ORCID 
primary 'Chattopadhyay, D.'   1  ? 
primary 'Finzel, B.C.'        2  ? 
primary 'Munson, S.H.'        3  ? 
primary 'Evans, D.B.'         4  ? 
primary 'Sharma, S.K.'        5  ? 
primary 'Strakalaitus, N.A.'  6  ? 
primary 'Brunner, D.P.'       7  ? 
primary 'Eckenrode, F.M.'     8  ? 
primary 'Dauter, Z.'          9  ? 
primary 'Betzel, C.'          10 ? 
primary 'Einspahr, H.M.'      11 ? 
1       'Davies II, J.F.'     12 ? 
1       'Hostomska, Z.'       13 ? 
1       'Hostomsky, Z.'       14 ? 
1       'Jordan, S.R.'        15 ? 
1       'Matthews, D.A.'      16 ? 
2       'Evans, D.B.'         17 ? 
2       'Brawn, K.'           18 ? 
2       'Deibel Junior, M.R.' 19 ? 
2       'Tarpley, W.G.'       20 ? 
2       'Sharma, S.K.'        21 ? 
# 
_entity.id                         1 
_entity.type                       polymer 
_entity.src_method                 man 
_entity.pdbx_description           'HIV-1 REVERSE TRANSCRIPTASE (RIBONUCLEASE H DOMAIN)' 
_entity.formula_weight             16196.366 
_entity.pdbx_number_of_molecules   2 
_entity.pdbx_ec                    2.7.7.49 
_entity.pdbx_mutation              ? 
_entity.pdbx_fragment              ? 
_entity.details                    ? 
# 
_entity_poly.entity_id                      1 
_entity_poly.type                           'polypeptide(L)' 
_entity_poly.nstd_linkage                   no 
_entity_poly.nstd_monomer                   no 
_entity_poly.pdbx_seq_one_letter_code       
;MPIHDHDHPFHGYQLEKEPIVGAETFYVDGAANRETKLGKAGYVTNKGRQKVVPLTNTTNQKTELQAIYLALQDSGLEVN
IVTDSQYALGIIQAQPDKSESELVNQIIEQLIKKEKVYLAWVPAHKGIGGNEQVDKLVSAGIRKIL
;
_entity_poly.pdbx_seq_one_letter_code_can   
;MPIHDHDHPFHGYQLEKEPIVGAETFYVDGAANRETKLGKAGYVTNKGRQKVVPLTNTTNQKTELQAIYLALQDSGLEVN
IVTDSQYALGIIQAQPDKSESELVNQIIEQLIKKEKVYLAWVPAHKGIGGNEQVDKLVSAGIRKIL
;
_entity_poly.pdbx_strand_id                 A,B 
_entity_poly.pdbx_target_identifier         ? 
# 
loop_
_entity_poly_seq.entity_id 
_entity_poly_seq.num 
_entity_poly_seq.mon_id 
_entity_poly_seq.hetero 
1 1   MET n 
1 2   PRO n 
1 3   ILE n 
1 4   HIS n 
1 5   ASP n 
1 6   HIS n 
1 7   ASP n 
1 8   HIS n 
1 9   PRO n 
1 10  PHE n 
1 11  HIS n 
1 12  GLY n 
1 13  TYR n 
1 14  GLN n 
1 15  LEU n 
1 16  GLU n 
1 17  LYS n 
1 18  GLU n 
1 19  PRO n 
1 20  ILE n 
1 21  VAL n 
1 22  GLY n 
1 23  ALA n 
1 24  GLU n 
1 25  THR n 
1 26  PHE n 
1 27  TYR n 
1 28  VAL n 
1 29  ASP n 
1 30  GLY n 
1 31  ALA n 
1 32  ALA n 
1 33  ASN n 
1 34  ARG n 
1 35  GLU n 
1 36  THR n 
1 37  LYS n 
1 38  LEU n 
1 39  GLY n 
1 40  LYS n 
1 41  ALA n 
1 42  GLY n 
1 43  TYR n 
1 44  VAL n 
1 45  THR n 
1 46  ASN n 
1 47  LYS n 
1 48  GLY n 
1 49  ARG n 
1 50  GLN n 
1 51  LYS n 
1 52  VAL n 
1 53  VAL n 
1 54  PRO n 
1 55  LEU n 
1 56  THR n 
1 57  ASN n 
1 58  THR n 
1 59  THR n 
1 60  ASN n 
1 61  GLN n 
1 62  LYS n 
1 63  THR n 
1 64  GLU n 
1 65  LEU n 
1 66  GLN n 
1 67  ALA n 
1 68  ILE n 
1 69  TYR n 
1 70  LEU n 
1 71  ALA n 
1 72  LEU n 
1 73  GLN n 
1 74  ASP n 
1 75  SER n 
1 76  GLY n 
1 77  LEU n 
1 78  GLU n 
1 79  VAL n 
1 80  ASN n 
1 81  ILE n 
1 82  VAL n 
1 83  THR n 
1 84  ASP n 
1 85  SER n 
1 86  GLN n 
1 87  TYR n 
1 88  ALA n 
1 89  LEU n 
1 90  GLY n 
1 91  ILE n 
1 92  ILE n 
1 93  GLN n 
1 94  ALA n 
1 95  GLN n 
1 96  PRO n 
1 97  ASP n 
1 98  LYS n 
1 99  SER n 
1 100 GLU n 
1 101 SER n 
1 102 GLU n 
1 103 LEU n 
1 104 VAL n 
1 105 ASN n 
1 106 GLN n 
1 107 ILE n 
1 108 ILE n 
1 109 GLU n 
1 110 GLN n 
1 111 LEU n 
1 112 ILE n 
1 113 LYS n 
1 114 LYS n 
1 115 GLU n 
1 116 LYS n 
1 117 VAL n 
1 118 TYR n 
1 119 LEU n 
1 120 ALA n 
1 121 TRP n 
1 122 VAL n 
1 123 PRO n 
1 124 ALA n 
1 125 HIS n 
1 126 LYS n 
1 127 GLY n 
1 128 ILE n 
1 129 GLY n 
1 130 GLY n 
1 131 ASN n 
1 132 GLU n 
1 133 GLN n 
1 134 VAL n 
1 135 ASP n 
1 136 LYS n 
1 137 LEU n 
1 138 VAL n 
1 139 SER n 
1 140 ALA n 
1 141 GLY n 
1 142 ILE n 
1 143 ARG n 
1 144 LYS n 
1 145 ILE n 
1 146 LEU n 
# 
_entity_src_gen.entity_id                          1 
_entity_src_gen.pdbx_src_id                        1 
_entity_src_gen.pdbx_alt_source_flag               sample 
_entity_src_gen.pdbx_seq_type                      ? 
_entity_src_gen.pdbx_beg_seq_num                   ? 
_entity_src_gen.pdbx_end_seq_num                   ? 
_entity_src_gen.gene_src_common_name               ? 
_entity_src_gen.gene_src_genus                     Lentivirus 
_entity_src_gen.pdbx_gene_src_gene                 ? 
_entity_src_gen.gene_src_species                   ? 
_entity_src_gen.gene_src_strain                    ? 
_entity_src_gen.gene_src_tissue                    ? 
_entity_src_gen.gene_src_tissue_fraction           ? 
_entity_src_gen.gene_src_details                   ? 
_entity_src_gen.pdbx_gene_src_fragment             ? 
_entity_src_gen.pdbx_gene_src_scientific_name      'Human immunodeficiency virus 1' 
_entity_src_gen.pdbx_gene_src_ncbi_taxonomy_id     11676 
_entity_src_gen.pdbx_gene_src_variant              ? 
_entity_src_gen.pdbx_gene_src_cell_line            ? 
_entity_src_gen.pdbx_gene_src_atcc                 ? 
_entity_src_gen.pdbx_gene_src_organ                ? 
_entity_src_gen.pdbx_gene_src_organelle            ? 
_entity_src_gen.pdbx_gene_src_cell                 ? 
_entity_src_gen.pdbx_gene_src_cellular_location    ? 
_entity_src_gen.host_org_common_name               ? 
_entity_src_gen.pdbx_host_org_scientific_name      'Escherichia coli' 
_entity_src_gen.pdbx_host_org_ncbi_taxonomy_id     562 
_entity_src_gen.host_org_genus                     Escherichia 
_entity_src_gen.pdbx_host_org_gene                 ? 
_entity_src_gen.pdbx_host_org_organ                ? 
_entity_src_gen.host_org_species                   ? 
_entity_src_gen.pdbx_host_org_tissue               ? 
_entity_src_gen.pdbx_host_org_tissue_fraction      ? 
_entity_src_gen.pdbx_host_org_strain               ? 
_entity_src_gen.pdbx_host_org_variant              ? 
_entity_src_gen.pdbx_host_org_cell_line            ? 
_entity_src_gen.pdbx_host_org_atcc                 ? 
_entity_src_gen.pdbx_host_org_culture_collection   ? 
_entity_src_gen.pdbx_host_org_cell                 ? 
_entity_src_gen.pdbx_host_org_organelle            ? 
_entity_src_gen.pdbx_host_org_cellular_location    ? 
_entity_src_gen.pdbx_host_org_vector_type          ? 
_entity_src_gen.pdbx_host_org_vector               ? 
_entity_src_gen.host_org_details                   ? 
_entity_src_gen.expression_system_id               ? 
_entity_src_gen.plasmid_name                       ? 
_entity_src_gen.plasmid_details                    ? 
_entity_src_gen.pdbx_description                   ? 
# 
loop_
_chem_comp.id 
_chem_comp.type 
_chem_comp.mon_nstd_flag 
_chem_comp.name 
_chem_comp.pdbx_synonyms 
_chem_comp.formula 
_chem_comp.formula_weight 
ALA 'L-peptide linking' y ALANINE         ? 'C3 H7 N O2'     89.093  
ARG 'L-peptide linking' y ARGININE        ? 'C6 H15 N4 O2 1' 175.209 
ASN 'L-peptide linking' y ASPARAGINE      ? 'C4 H8 N2 O3'    132.118 
ASP 'L-peptide linking' y 'ASPARTIC ACID' ? 'C4 H7 N O4'     133.103 
GLN 'L-peptide linking' y GLUTAMINE       ? 'C5 H10 N2 O3'   146.144 
GLU 'L-peptide linking' y 'GLUTAMIC ACID' ? 'C5 H9 N O4'     147.129 
GLY 'peptide linking'   y GLYCINE         ? 'C2 H5 N O2'     75.067  
HIS 'L-peptide linking' y HISTIDINE       ? 'C6 H10 N3 O2 1' 156.162 
ILE 'L-peptide linking' y ISOLEUCINE      ? 'C6 H13 N O2'    131.173 
LEU 'L-peptide linking' y LEUCINE         ? 'C6 H13 N O2'    131.173 
LYS 'L-peptide linking' y LYSINE          ? 'C6 H15 N2 O2 1' 147.195 
MET 'L-peptide linking' y METHIONINE      ? 'C5 H11 N O2 S'  149.211 
PHE 'L-peptide linking' y PHENYLALANINE   ? 'C9 H11 N O2'    165.189 
PRO 'L-peptide linking' y PROLINE         ? 'C5 H9 N O2'     115.130 
SER 'L-peptide linking' y SERINE          ? 'C3 H7 N O3'     105.093 
THR 'L-peptide linking' y THREONINE       ? 'C4 H9 N O3'     119.119 
TRP 'L-peptide linking' y TRYPTOPHAN      ? 'C11 H12 N2 O2'  204.225 
TYR 'L-peptide linking' y TYROSINE        ? 'C9 H11 N O3'    181.189 
VAL 'L-peptide linking' y VALINE          ? 'C5 H11 N O2'    117.146 
# 
loop_
_pdbx_poly_seq_scheme.asym_id 
_pdbx_poly_seq_scheme.entity_id 
_pdbx_poly_seq_scheme.seq_id 
_pdbx_poly_seq_scheme.mon_id 
_pdbx_poly_seq_scheme.ndb_seq_num 
_pdbx_poly_seq_scheme.pdb_seq_num 
_pdbx_poly_seq_scheme.auth_seq_num 
_pdbx_poly_seq_scheme.pdb_mon_id 
_pdbx_poly_seq_scheme.auth_mon_id 
_pdbx_poly_seq_scheme.pdb_strand_id 
_pdbx_poly_seq_scheme.pdb_ins_code 
_pdbx_poly_seq_scheme.hetero 
A 1 1   MET 1   415 ?   ?   ?   A . n 
A 1 2   PRO 2   416 ?   ?   ?   A . n 
A 1 3   ILE 3   417 ?   ?   ?   A . n 
A 1 4   HIS 4   418 ?   ?   ?   A . n 
A 1 5   ASP 5   419 ?   ?   ?   A . n 
A 1 6   HIS 6   420 ?   ?   ?   A . n 
A 1 7   ASP 7   421 ?   ?   ?   A . n 
A 1 8   HIS 8   422 ?   ?   ?   A . n 
A 1 9   PRO 9   423 ?   ?   ?   A . n 
A 1 10  PHE 10  424 ?   ?   ?   A . n 
A 1 11  HIS 11  425 ?   ?   ?   A . n 
A 1 12  GLY 12  426 ?   ?   ?   A . n 
A 1 13  TYR 13  427 427 TYR TYR A . n 
A 1 14  GLN 14  428 428 GLN GLN A . n 
A 1 15  LEU 15  429 429 LEU LEU A . n 
A 1 16  GLU 16  430 430 GLU GLU A . n 
A 1 17  LYS 17  431 431 LYS LYS A . n 
A 1 18  GLU 18  432 432 GLU GLU A . n 
A 1 19  PRO 19  433 433 PRO PRO A . n 
A 1 20  ILE 20  434 434 ILE ILE A . n 
A 1 21  VAL 21  435 435 VAL VAL A . n 
A 1 22  GLY 22  436 436 GLY GLY A . n 
A 1 23  ALA 23  437 437 ALA ALA A . n 
A 1 24  GLU 24  438 438 GLU GLU A . n 
A 1 25  THR 25  439 439 THR THR A . n 
A 1 26  PHE 26  440 440 PHE PHE A . n 
A 1 27  TYR 27  441 441 TYR TYR A . n 
A 1 28  VAL 28  442 442 VAL VAL A . n 
A 1 29  ASP 29  443 443 ASP ASP A . n 
A 1 30  GLY 30  444 444 GLY GLY A . n 
A 1 31  ALA 31  445 445 ALA ALA A . n 
A 1 32  ALA 32  446 446 ALA ALA A . n 
A 1 33  ASN 33  447 447 ASN ASN A . n 
A 1 34  ARG 34  448 448 ARG ARG A . n 
A 1 35  GLU 35  449 449 GLU GLU A . n 
A 1 36  THR 36  450 450 THR THR A . n 
A 1 37  LYS 37  451 451 LYS LYS A . n 
A 1 38  LEU 38  452 452 LEU LEU A . n 
A 1 39  GLY 39  453 453 GLY GLY A . n 
A 1 40  LYS 40  454 454 LYS LYS A . n 
A 1 41  ALA 41  455 455 ALA ALA A . n 
A 1 42  GLY 42  456 456 GLY GLY A . n 
A 1 43  TYR 43  457 457 TYR TYR A . n 
A 1 44  VAL 44  458 458 VAL VAL A . n 
A 1 45  THR 45  459 459 THR THR A . n 
A 1 46  ASN 46  460 460 ASN ASN A . n 
A 1 47  LYS 47  461 461 LYS LYS A . n 
A 1 48  GLY 48  462 462 GLY GLY A . n 
A 1 49  ARG 49  463 463 ARG ARG A . n 
A 1 50  GLN 50  464 464 GLN GLN A . n 
A 1 51  LYS 51  465 465 LYS LYS A . n 
A 1 52  VAL 52  466 466 VAL VAL A . n 
A 1 53  VAL 53  467 467 VAL VAL A . n 
A 1 54  PRO 54  468 468 PRO PRO A . n 
A 1 55  LEU 55  469 469 LEU LEU A . n 
A 1 56  THR 56  470 470 THR THR A . n 
A 1 57  ASN 57  471 471 ASN ASN A . n 
A 1 58  THR 58  472 472 THR THR A . n 
A 1 59  THR 59  473 473 THR THR A . n 
A 1 60  ASN 60  474 474 ASN ASN A . n 
A 1 61  GLN 61  475 475 GLN GLN A . n 
A 1 62  LYS 62  476 476 LYS LYS A . n 
A 1 63  THR 63  477 477 THR THR A . n 
A 1 64  GLU 64  478 478 GLU GLU A . n 
A 1 65  LEU 65  479 479 LEU LEU A . n 
A 1 66  GLN 66  480 480 GLN GLN A . n 
A 1 67  ALA 67  481 481 ALA ALA A . n 
A 1 68  ILE 68  482 482 ILE ILE A . n 
A 1 69  TYR 69  483 483 TYR TYR A . n 
A 1 70  LEU 70  484 484 LEU LEU A . n 
A 1 71  ALA 71  485 485 ALA ALA A . n 
A 1 72  LEU 72  486 486 LEU LEU A . n 
A 1 73  GLN 73  487 487 GLN GLN A . n 
A 1 74  ASP 74  488 488 ASP ASP A . n 
A 1 75  SER 75  489 489 SER SER A . n 
A 1 76  GLY 76  490 490 GLY GLY A . n 
A 1 77  LEU 77  491 491 LEU LEU A . n 
A 1 78  GLU 78  492 492 GLU GLU A . n 
A 1 79  VAL 79  493 493 VAL VAL A . n 
A 1 80  ASN 80  494 494 ASN ASN A . n 
A 1 81  ILE 81  495 495 ILE ILE A . n 
A 1 82  VAL 82  496 496 VAL VAL A . n 
A 1 83  THR 83  497 497 THR THR A . n 
A 1 84  ASP 84  498 498 ASP ASP A . n 
A 1 85  SER 85  499 499 SER SER A . n 
A 1 86  GLN 86  500 500 GLN GLN A . n 
A 1 87  TYR 87  501 501 TYR TYR A . n 
A 1 88  ALA 88  502 502 ALA ALA A . n 
A 1 89  LEU 89  503 503 LEU LEU A . n 
A 1 90  GLY 90  504 504 GLY GLY A . n 
A 1 91  ILE 91  505 505 ILE ILE A . n 
A 1 92  ILE 92  506 506 ILE ILE A . n 
A 1 93  GLN 93  507 507 GLN GLN A . n 
A 1 94  ALA 94  508 508 ALA ALA A . n 
A 1 95  GLN 95  509 509 GLN GLN A . n 
A 1 96  PRO 96  510 510 PRO PRO A . n 
A 1 97  ASP 97  511 511 ASP ASP A . n 
A 1 98  LYS 98  512 512 LYS LYS A . n 
A 1 99  SER 99  513 513 SER SER A . n 
A 1 100 GLU 100 514 514 GLU GLU A . n 
A 1 101 SER 101 515 515 SER SER A . n 
A 1 102 GLU 102 516 516 GLU GLU A . n 
A 1 103 LEU 103 517 517 LEU LEU A . n 
A 1 104 VAL 104 518 518 VAL VAL A . n 
A 1 105 ASN 105 519 519 ASN ASN A . n 
A 1 106 GLN 106 520 520 GLN GLN A . n 
A 1 107 ILE 107 521 521 ILE ILE A . n 
A 1 108 ILE 108 522 522 ILE ILE A . n 
A 1 109 GLU 109 523 523 GLU GLU A . n 
A 1 110 GLN 110 524 524 GLN GLN A . n 
A 1 111 LEU 111 525 525 LEU LEU A . n 
A 1 112 ILE 112 526 526 ILE ILE A . n 
A 1 113 LYS 113 527 527 LYS LYS A . n 
A 1 114 LYS 114 528 528 LYS LYS A . n 
A 1 115 GLU 115 529 529 GLU GLU A . n 
A 1 116 LYS 116 530 530 LYS LYS A . n 
A 1 117 VAL 117 531 531 VAL VAL A . n 
A 1 118 TYR 118 532 532 TYR TYR A . n 
A 1 119 LEU 119 533 533 LEU LEU A . n 
A 1 120 ALA 120 534 534 ALA ALA A . n 
A 1 121 TRP 121 535 535 TRP TRP A . n 
A 1 122 VAL 122 536 536 VAL VAL A . n 
A 1 123 PRO 123 537 537 PRO PRO A . n 
A 1 124 ALA 124 538 538 ALA ALA A . n 
A 1 125 HIS 125 539 ?   ?   ?   A . n 
A 1 126 LYS 126 540 ?   ?   ?   A . n 
A 1 127 GLY 127 541 ?   ?   ?   A . n 
A 1 128 ILE 128 542 542 ILE ILE A . n 
A 1 129 GLY 129 543 543 GLY GLY A . n 
A 1 130 GLY 130 544 544 GLY GLY A . n 
A 1 131 ASN 131 545 545 ASN ASN A . n 
A 1 132 GLU 132 546 546 GLU GLU A . n 
A 1 133 GLN 133 547 547 GLN GLN A . n 
A 1 134 VAL 134 548 548 VAL VAL A . n 
A 1 135 ASP 135 549 549 ASP ASP A . n 
A 1 136 LYS 136 550 550 LYS LYS A . n 
A 1 137 LEU 137 551 551 LEU LEU A . n 
A 1 138 VAL 138 552 552 VAL VAL A . n 
A 1 139 SER 139 553 553 SER SER A . n 
A 1 140 ALA 140 554 554 ALA ALA A . n 
A 1 141 GLY 141 555 555 GLY GLY A . n 
A 1 142 ILE 142 556 556 ILE ILE A . n 
A 1 143 ARG 143 557 ?   ?   ?   A . n 
A 1 144 LYS 144 558 ?   ?   ?   A . n 
A 1 145 ILE 145 559 ?   ?   ?   A . n 
A 1 146 LEU 146 560 ?   ?   ?   A . n 
B 1 1   MET 1   415 ?   ?   ?   B . n 
B 1 2   PRO 2   416 ?   ?   ?   B . n 
B 1 3   ILE 3   417 ?   ?   ?   B . n 
B 1 4   HIS 4   418 ?   ?   ?   B . n 
B 1 5   ASP 5   419 ?   ?   ?   B . n 
B 1 6   HIS 6   420 ?   ?   ?   B . n 
B 1 7   ASP 7   421 ?   ?   ?   B . n 
B 1 8   HIS 8   422 ?   ?   ?   B . n 
B 1 9   PRO 9   423 ?   ?   ?   B . n 
B 1 10  PHE 10  424 ?   ?   ?   B . n 
B 1 11  HIS 11  425 ?   ?   ?   B . n 
B 1 12  GLY 12  426 ?   ?   ?   B . n 
B 1 13  TYR 13  427 427 TYR TYR B . n 
B 1 14  GLN 14  428 428 GLN GLN B . n 
B 1 15  LEU 15  429 429 LEU LEU B . n 
B 1 16  GLU 16  430 430 GLU GLU B . n 
B 1 17  LYS 17  431 431 LYS LYS B . n 
B 1 18  GLU 18  432 432 GLU GLU B . n 
B 1 19  PRO 19  433 433 PRO PRO B . n 
B 1 20  ILE 20  434 434 ILE ILE B . n 
B 1 21  VAL 21  435 435 VAL VAL B . n 
B 1 22  GLY 22  436 436 GLY GLY B . n 
B 1 23  ALA 23  437 437 ALA ALA B . n 
B 1 24  GLU 24  438 438 GLU GLU B . n 
B 1 25  THR 25  439 439 THR THR B . n 
B 1 26  PHE 26  440 440 PHE PHE B . n 
B 1 27  TYR 27  441 441 TYR TYR B . n 
B 1 28  VAL 28  442 442 VAL VAL B . n 
B 1 29  ASP 29  443 443 ASP ASP B . n 
B 1 30  GLY 30  444 444 GLY GLY B . n 
B 1 31  ALA 31  445 445 ALA ALA B . n 
B 1 32  ALA 32  446 446 ALA ALA B . n 
B 1 33  ASN 33  447 447 ASN ASN B . n 
B 1 34  ARG 34  448 448 ARG ARG B . n 
B 1 35  GLU 35  449 449 GLU GLU B . n 
B 1 36  THR 36  450 450 THR THR B . n 
B 1 37  LYS 37  451 451 LYS LYS B . n 
B 1 38  LEU 38  452 452 LEU LEU B . n 
B 1 39  GLY 39  453 453 GLY GLY B . n 
B 1 40  LYS 40  454 454 LYS LYS B . n 
B 1 41  ALA 41  455 455 ALA ALA B . n 
B 1 42  GLY 42  456 456 GLY GLY B . n 
B 1 43  TYR 43  457 457 TYR TYR B . n 
B 1 44  VAL 44  458 458 VAL VAL B . n 
B 1 45  THR 45  459 459 THR THR B . n 
B 1 46  ASN 46  460 460 ASN ASN B . n 
B 1 47  LYS 47  461 461 LYS LYS B . n 
B 1 48  GLY 48  462 462 GLY GLY B . n 
B 1 49  ARG 49  463 463 ARG ARG B . n 
B 1 50  GLN 50  464 464 GLN GLN B . n 
B 1 51  LYS 51  465 465 LYS LYS B . n 
B 1 52  VAL 52  466 466 VAL VAL B . n 
B 1 53  VAL 53  467 467 VAL VAL B . n 
B 1 54  PRO 54  468 468 PRO PRO B . n 
B 1 55  LEU 55  469 469 LEU LEU B . n 
B 1 56  THR 56  470 470 THR THR B . n 
B 1 57  ASN 57  471 471 ASN ASN B . n 
B 1 58  THR 58  472 472 THR THR B . n 
B 1 59  THR 59  473 473 THR THR B . n 
B 1 60  ASN 60  474 474 ASN ASN B . n 
B 1 61  GLN 61  475 475 GLN GLN B . n 
B 1 62  LYS 62  476 476 LYS LYS B . n 
B 1 63  THR 63  477 477 THR THR B . n 
B 1 64  GLU 64  478 478 GLU GLU B . n 
B 1 65  LEU 65  479 479 LEU LEU B . n 
B 1 66  GLN 66  480 480 GLN GLN B . n 
B 1 67  ALA 67  481 481 ALA ALA B . n 
B 1 68  ILE 68  482 482 ILE ILE B . n 
B 1 69  TYR 69  483 483 TYR TYR B . n 
B 1 70  LEU 70  484 484 LEU LEU B . n 
B 1 71  ALA 71  485 485 ALA ALA B . n 
B 1 72  LEU 72  486 486 LEU LEU B . n 
B 1 73  GLN 73  487 487 GLN GLN B . n 
B 1 74  ASP 74  488 488 ASP ASP B . n 
B 1 75  SER 75  489 489 SER SER B . n 
B 1 76  GLY 76  490 490 GLY GLY B . n 
B 1 77  LEU 77  491 491 LEU LEU B . n 
B 1 78  GLU 78  492 492 GLU GLU B . n 
B 1 79  VAL 79  493 493 VAL VAL B . n 
B 1 80  ASN 80  494 494 ASN ASN B . n 
B 1 81  ILE 81  495 495 ILE ILE B . n 
B 1 82  VAL 82  496 496 VAL VAL B . n 
B 1 83  THR 83  497 497 THR THR B . n 
B 1 84  ASP 84  498 498 ASP ASP B . n 
B 1 85  SER 85  499 499 SER SER B . n 
B 1 86  GLN 86  500 500 GLN GLN B . n 
B 1 87  TYR 87  501 501 TYR TYR B . n 
B 1 88  ALA 88  502 502 ALA ALA B . n 
B 1 89  LEU 89  503 503 LEU LEU B . n 
B 1 90  GLY 90  504 504 GLY GLY B . n 
B 1 91  ILE 91  505 505 ILE ILE B . n 
B 1 92  ILE 92  506 506 ILE ILE B . n 
B 1 93  GLN 93  507 507 GLN GLN B . n 
B 1 94  ALA 94  508 508 ALA ALA B . n 
B 1 95  GLN 95  509 509 GLN GLN B . n 
B 1 96  PRO 96  510 510 PRO PRO B . n 
B 1 97  ASP 97  511 511 ASP ASP B . n 
B 1 98  LYS 98  512 512 LYS LYS B . n 
B 1 99  SER 99  513 513 SER SER B . n 
B 1 100 GLU 100 514 514 GLU GLU B . n 
B 1 101 SER 101 515 515 SER SER B . n 
B 1 102 GLU 102 516 516 GLU GLU B . n 
B 1 103 LEU 103 517 517 LEU LEU B . n 
B 1 104 VAL 104 518 518 VAL VAL B . n 
B 1 105 ASN 105 519 519 ASN ASN B . n 
B 1 106 GLN 106 520 520 GLN GLN B . n 
B 1 107 ILE 107 521 521 ILE ILE B . n 
B 1 108 ILE 108 522 522 ILE ILE B . n 
B 1 109 GLU 109 523 523 GLU GLU B . n 
B 1 110 GLN 110 524 524 GLN GLN B . n 
B 1 111 LEU 111 525 525 LEU LEU B . n 
B 1 112 ILE 112 526 526 ILE ILE B . n 
B 1 113 LYS 113 527 527 LYS LYS B . n 
B 1 114 LYS 114 528 528 LYS LYS B . n 
B 1 115 GLU 115 529 529 GLU GLU B . n 
B 1 116 LYS 116 530 530 LYS LYS B . n 
B 1 117 VAL 117 531 531 VAL VAL B . n 
B 1 118 TYR 118 532 532 TYR TYR B . n 
B 1 119 LEU 119 533 533 LEU LEU B . n 
B 1 120 ALA 120 534 534 ALA ALA B . n 
B 1 121 TRP 121 535 535 TRP TRP B . n 
B 1 122 VAL 122 536 536 VAL VAL B . n 
B 1 123 PRO 123 537 537 PRO PRO B . n 
B 1 124 ALA 124 538 538 ALA ALA B . n 
B 1 125 HIS 125 539 ?   ?   ?   B . n 
B 1 126 LYS 126 540 ?   ?   ?   B . n 
B 1 127 GLY 127 541 ?   ?   ?   B . n 
B 1 128 ILE 128 542 542 ILE ILE B . n 
B 1 129 GLY 129 543 543 GLY GLY B . n 
B 1 130 GLY 130 544 544 GLY GLY B . n 
B 1 131 ASN 131 545 545 ASN ASN B . n 
B 1 132 GLU 132 546 546 GLU GLU B . n 
B 1 133 GLN 133 547 547 GLN GLN B . n 
B 1 134 VAL 134 548 548 VAL VAL B . n 
B 1 135 ASP 135 549 549 ASP ASP B . n 
B 1 136 LYS 136 550 550 LYS LYS B . n 
B 1 137 LEU 137 551 551 LEU LEU B . n 
B 1 138 VAL 138 552 552 VAL VAL B . n 
B 1 139 SER 139 553 553 SER SER B . n 
B 1 140 ALA 140 554 554 ALA ALA B . n 
B 1 141 GLY 141 555 555 GLY GLY B . n 
B 1 142 ILE 142 556 556 ILE ILE B . n 
B 1 143 ARG 143 557 ?   ?   ?   B . n 
B 1 144 LYS 144 558 ?   ?   ?   B . n 
B 1 145 ILE 145 559 ?   ?   ?   B . n 
B 1 146 LEU 146 560 ?   ?   ?   B . n 
# 
_software.name             PROLSQ 
_software.classification   refinement 
_software.version          . 
_software.citation_id      ? 
_software.pdbx_ordinal     1 
# 
_cell.entry_id           1RDH 
_cell.length_a           52.030 
_cell.length_b           52.030 
_cell.length_c           113.920 
_cell.angle_alpha        90.00 
_cell.angle_beta         90.00 
_cell.angle_gamma        120.00 
_cell.Z_PDB              6 
_cell.pdbx_unique_axis   ? 
# 
_symmetry.entry_id                         1RDH 
_symmetry.space_group_name_H-M             'P 31' 
_symmetry.pdbx_full_space_group_name_H-M   ? 
_symmetry.cell_setting                     ? 
_symmetry.Int_Tables_number                144 
# 
_exptl.entry_id          1RDH 
_exptl.method            'X-RAY DIFFRACTION' 
_exptl.crystals_number   ? 
# 
_exptl_crystal.id                    1 
_exptl_crystal.density_meas          ? 
_exptl_crystal.density_Matthews      2.75 
_exptl_crystal.density_percent_sol   55.23 
_exptl_crystal.description           ? 
# 
_diffrn.id                     1 
_diffrn.crystal_id             1 
_diffrn.ambient_temp           ? 
_diffrn.ambient_temp_details   ? 
# 
_refine.entry_id                                 1RDH 
_refine.ls_number_reflns_obs                     8147 
_refine.ls_number_reflns_all                     ? 
_refine.pdbx_ls_sigma_I                          ? 
_refine.pdbx_ls_sigma_F                          2.0 
_refine.pdbx_data_cutoff_high_absF               ? 
_refine.pdbx_data_cutoff_low_absF                ? 
_refine.pdbx_data_cutoff_high_rms_absF           ? 
_refine.ls_d_res_low                             20.0 
_refine.ls_d_res_high                            2.8 
_refine.ls_percent_reflns_obs                    ? 
_refine.ls_R_factor_obs                          0.2150000 
_refine.ls_R_factor_all                          ? 
_refine.ls_R_factor_R_work                       ? 
_refine.ls_R_factor_R_free                       ? 
_refine.ls_R_factor_R_free_error                 ? 
_refine.ls_R_factor_R_free_error_details         ? 
_refine.ls_percent_reflns_R_free                 ? 
_refine.ls_number_reflns_R_free                  ? 
_refine.ls_number_parameters                     ? 
_refine.ls_number_restraints                     ? 
_refine.occupancy_min                            ? 
_refine.occupancy_max                            ? 
_refine.B_iso_mean                               ? 
_refine.aniso_B[1][1]                            ? 
_refine.aniso_B[2][2]                            ? 
_refine.aniso_B[3][3]                            ? 
_refine.aniso_B[1][2]                            ? 
_refine.aniso_B[1][3]                            ? 
_refine.aniso_B[2][3]                            ? 
_refine.solvent_model_details                    ? 
_refine.solvent_model_param_ksol                 ? 
_refine.solvent_model_param_bsol                 ? 
_refine.pdbx_ls_cross_valid_method               ? 
_refine.details                                  ? 
_refine.pdbx_starting_model                      ? 
_refine.pdbx_method_to_determine_struct          ? 
_refine.pdbx_isotropic_thermal_model             ? 
_refine.pdbx_stereochemistry_target_values       ? 
_refine.pdbx_stereochem_target_val_spec_case     ? 
_refine.pdbx_R_Free_selection_details            ? 
_refine.pdbx_overall_ESU_R                       ? 
_refine.pdbx_overall_ESU_R_Free                  ? 
_refine.overall_SU_ML                            ? 
_refine.overall_SU_B                             ? 
_refine.pdbx_refine_id                           'X-RAY DIFFRACTION' 
_refine.pdbx_diffrn_id                           1 
_refine.pdbx_TLS_residual_ADP_flag               ? 
_refine.correlation_coeff_Fo_to_Fc               ? 
_refine.correlation_coeff_Fo_to_Fc_free          ? 
_refine.pdbx_solvent_vdw_probe_radii             ? 
_refine.pdbx_solvent_ion_probe_radii             ? 
_refine.pdbx_solvent_shrinkage_radii             ? 
_refine.pdbx_overall_phase_error                 ? 
_refine.overall_SU_R_Cruickshank_DPI             ? 
_refine.pdbx_overall_SU_R_free_Cruickshank_DPI   ? 
_refine.pdbx_overall_SU_R_Blow_DPI               ? 
_refine.pdbx_overall_SU_R_free_Blow_DPI          ? 
# 
_refine_hist.pdbx_refine_id                   'X-RAY DIFFRACTION' 
_refine_hist.cycle_id                         LAST 
_refine_hist.pdbx_number_atoms_protein        254 
_refine_hist.pdbx_number_atoms_nucleic_acid   0 
_refine_hist.pdbx_number_atoms_ligand         0 
_refine_hist.number_atoms_solvent             0 
_refine_hist.number_atoms_total               254 
_refine_hist.d_res_high                       2.8 
_refine_hist.d_res_low                        20.0 
# 
loop_
_refine_ls_restr.type 
_refine_ls_restr.dev_ideal 
_refine_ls_restr.dev_ideal_target 
_refine_ls_restr.weight 
_refine_ls_restr.number 
_refine_ls_restr.pdbx_refine_id 
_refine_ls_restr.pdbx_restraint_function 
p_bond_d            0.026 0.030 ? ? 'X-RAY DIFFRACTION' ? 
p_angle_d           0.052 0.040 ? ? 'X-RAY DIFFRACTION' ? 
p_angle_deg         ?     ?     ? ? 'X-RAY DIFFRACTION' ? 
p_planar_d          0.054 0.050 ? ? 'X-RAY DIFFRACTION' ? 
p_hb_or_metal_coord ?     ?     ? ? 'X-RAY DIFFRACTION' ? 
p_mcbond_it         0.995 1.500 ? ? 'X-RAY DIFFRACTION' ? 
p_mcangle_it        1.699 3.000 ? ? 'X-RAY DIFFRACTION' ? 
p_scbond_it         1.763 2.000 ? ? 'X-RAY DIFFRACTION' ? 
p_scangle_it        2.899 4.000 ? ? 'X-RAY DIFFRACTION' ? 
p_plane_restr       0.018 0.030 ? ? 'X-RAY DIFFRACTION' ? 
p_chiral_restr      0.383 0.300 ? ? 'X-RAY DIFFRACTION' ? 
p_singtor_nbd       0.229 0.400 ? ? 'X-RAY DIFFRACTION' ? 
p_multtor_nbd       0.264 0.400 ? ? 'X-RAY DIFFRACTION' ? 
p_xhyhbond_nbd      0.249 0.400 ? ? 'X-RAY DIFFRACTION' ? 
p_xyhbond_nbd       ?     ?     ? ? 'X-RAY DIFFRACTION' ? 
p_planar_tor        2.500 3.000 ? ? 'X-RAY DIFFRACTION' ? 
p_staggered_tor     10.80 5.000 ? ? 'X-RAY DIFFRACTION' ? 
p_orthonormal_tor   16.70 10.00 ? ? 'X-RAY DIFFRACTION' ? 
p_transverse_tor    ?     ?     ? ? 'X-RAY DIFFRACTION' ? 
p_special_tor       ?     ?     ? ? 'X-RAY DIFFRACTION' ? 
# 
_struct.entry_id                  1RDH 
_struct.title                     
;CRYSTALLOGRAPHIC ANALYSES OF AN ACTIVE HIV-1 RIBONUCLEASE H DOMAIN SHOW STRUCTURAL FEATURES THAT DISTINGUISH IT FROM THE INACTIVE FORM
;
_struct.pdbx_model_details        ? 
_struct.pdbx_CASP_flag            ? 
_struct.pdbx_model_type_details   ? 
# 
_struct_keywords.entry_id        1RDH 
_struct_keywords.pdbx_keywords   'HYDROLASE(ENDORIBONUCLEASE)' 
_struct_keywords.text            'HYDROLASE(ENDORIBONUCLEASE)' 
# 
loop_
_struct_asym.id 
_struct_asym.pdbx_blank_PDB_chainid_flag 
_struct_asym.pdbx_modified 
_struct_asym.entity_id 
_struct_asym.details 
A N N 1 ? 
B N N 1 ? 
# 
_struct_ref.id                         1 
_struct_ref.db_name                    UNP 
_struct_ref.db_code                    POL_HV1B1 
_struct_ref.entity_id                  1 
_struct_ref.pdbx_db_accession          P03366 
_struct_ref.pdbx_align_begin           1 
_struct_ref.pdbx_seq_one_letter_code   
;FFREDLAFLQGKAREFSSEQTRANSPTISSEQTRANSPTRRELQVWGRDNNSPSEAGADRQGTVSFNFPQITLWQRPLVT
IKIGGQLKEALLDTGADDTVLEEMSLPGRWKPKMIGGIGGFIKVRQYDQILIEICGHKAIGTVLVGPTPVNIIGRNLLTQ
IGCTLNFPISPIETVPVKLKPGMDGPKVKQWPLTEEKIKALVEICTEMEKEGKISKIGPENPYNTPVFAIKKKDSTKWRK
LVDFRELNKRTQDFWEVQLGIPHPAGLKKKKSVTVLDVGDAYFSVPLDEDFRKYTAFTIPSINNETPGIRYQYNVLPQGW
KGSPAIFQSSMTKILEPFKKQNPDIVIYQYMDDLYVGSDLEIGQHRTKIEELRQHLLRWGLTTPDKKHQKEPPFLWMGYE
LHPDKWTVQPIVLPEKDSWTVNDIQKLVGKLNWASQIYPGIKVRQLCKLLRGTKALTEVIPLTEEAELELAENREILKEP
VHGVYYDPSKDLIAEIQKQGQGQWTYQIYQEPFKNLKTGKYARMRGAHTNDVKQLTEAVQKITTESIVIWGKTPKFKLPI
QKETWETWWTEYWQATWIPEWEFVNTPPLVKLWYQLEKEPIVGAETFYVDGAANRETKLGKAGYVTNKGRQKVVPLTNTT
NQKTELQAIYLALQDSGLEVNIVTDSQYALGIIQAQPDKSESELVNQIIEQLIKKEKVYLAWVPAHKGIGGNEQVDKLVS
AGIRKILFLDGIDKAQDEHEKYHSNWRAMASDFNLPPVVAKEIVASCDKCQLKGEAMHGQVDCSPGIWQLDCTHLEGKVI
LVAVHVASGYIEAEVIPAETGQETAYFLLKLAGRWPVKTIHTDNGSNFTSATVKAACWWAGIKQEFGIPYNPQSQGVVES
MNKELKKIIGQVRDQAEHLKTAVQMAVFIHNFKRKGGIGGYSAGERIVDIIATDIQTKELQKQITKIQNFRVYYRDSRNP
LWKGPAKLLWKGEGAVVIQDNSDIKVVPRRKAKIIRDYGKQMAGDDCVASRQDED
;
_struct_ref.pdbx_db_isoform            ? 
# 
loop_
_struct_ref_seq.align_id 
_struct_ref_seq.ref_id 
_struct_ref_seq.pdbx_PDB_id_code 
_struct_ref_seq.pdbx_strand_id 
_struct_ref_seq.seq_align_beg 
_struct_ref_seq.pdbx_seq_align_beg_ins_code 
_struct_ref_seq.seq_align_end 
_struct_ref_seq.pdbx_seq_align_end_ins_code 
_struct_ref_seq.pdbx_db_accession 
_struct_ref_seq.db_align_beg 
_struct_ref_seq.pdbx_db_align_beg_ins_code 
_struct_ref_seq.db_align_end 
_struct_ref_seq.pdbx_db_align_end_ins_code 
_struct_ref_seq.pdbx_auth_seq_align_beg 
_struct_ref_seq.pdbx_auth_seq_align_end 
1 1 1RDH A 13 ? 146 ? P03366 594 ? 727 ? 427 560 
2 1 1RDH B 13 ? 146 ? P03366 594 ? 727 ? 427 560 
# 
loop_
_pdbx_struct_assembly.id 
_pdbx_struct_assembly.details 
_pdbx_struct_assembly.method_details 
_pdbx_struct_assembly.oligomeric_details 
_pdbx_struct_assembly.oligomeric_count 
1 author_defined_assembly ? monomeric 1 
2 author_defined_assembly ? monomeric 1 
# 
loop_
_pdbx_struct_assembly_gen.assembly_id 
_pdbx_struct_assembly_gen.oper_expression 
_pdbx_struct_assembly_gen.asym_id_list 
1 1 A 
2 1 B 
# 
_pdbx_struct_oper_list.id                   1 
_pdbx_struct_oper_list.type                 'identity operation' 
_pdbx_struct_oper_list.name                 1_555 
_pdbx_struct_oper_list.symmetry_operation   x,y,z 
_pdbx_struct_oper_list.matrix[1][1]         1.0000000000 
_pdbx_struct_oper_list.matrix[1][2]         0.0000000000 
_pdbx_struct_oper_list.matrix[1][3]         0.0000000000 
_pdbx_struct_oper_list.vector[1]            0.0000000000 
_pdbx_struct_oper_list.matrix[2][1]         0.0000000000 
_pdbx_struct_oper_list.matrix[2][2]         1.0000000000 
_pdbx_struct_oper_list.matrix[2][3]         0.0000000000 
_pdbx_struct_oper_list.vector[2]            0.0000000000 
_pdbx_struct_oper_list.matrix[3][1]         0.0000000000 
_pdbx_struct_oper_list.matrix[3][2]         0.0000000000 
_pdbx_struct_oper_list.matrix[3][3]         1.0000000000 
_pdbx_struct_oper_list.vector[3]            0.0000000000 
# 
loop_
_struct_biol.id 
_struct_biol.details 
_struct_biol.pdbx_parent_biol_id 
1 
;THERE ARE TWO MOLECULES IN THE ASYMMETRIC UNIT.  THEY HAVE
BEEN ASSIGNED CHAIN INDICATORS *A* AND *B*.  THE RESIDUE
NUMBERING IS BASED ON THE REVERSE TRANSCRIPTASE SEQUENCE.
;
? 
2 ? ? 
# 
loop_
_struct_conf.conf_type_id 
_struct_conf.id 
_struct_conf.pdbx_PDB_helix_id 
_struct_conf.beg_label_comp_id 
_struct_conf.beg_label_asym_id 
_struct_conf.beg_label_seq_id 
_struct_conf.pdbx_beg_PDB_ins_code 
_struct_conf.end_label_comp_id 
_struct_conf.end_label_asym_id 
_struct_conf.end_label_seq_id 
_struct_conf.pdbx_end_PDB_ins_code 
_struct_conf.beg_auth_comp_id 
_struct_conf.beg_auth_asym_id 
_struct_conf.beg_auth_seq_id 
_struct_conf.end_auth_comp_id 
_struct_conf.end_auth_asym_id 
_struct_conf.end_auth_seq_id 
_struct_conf.pdbx_PDB_helix_class 
_struct_conf.details 
_struct_conf.pdbx_PDB_helix_length 
HELX_P HELX_P1 AA THR A 59  ? ASP A 74  ? THR A 473 ASP A 488 1 ? 16 
HELX_P HELX_P2 BA SER A 85  ? GLN A 95  ? SER A 499 GLN A 509 1 ? 11 
HELX_P HELX_P3 DA SER A 101 ? LYS A 114 ? SER A 515 LYS A 528 1 ? 14 
HELX_P HELX_P4 EA GLY A 130 ? SER A 139 ? GLY A 544 SER A 553 1 ? 10 
HELX_P HELX_P5 AB THR B 59  ? ASP B 74  ? THR B 473 ASP B 488 1 ? 16 
HELX_P HELX_P6 BB SER B 85  ? GLN B 95  ? SER B 499 GLN B 509 1 ? 11 
HELX_P HELX_P7 DB SER B 101 ? LYS B 114 ? SER B 515 LYS B 528 1 ? 14 
HELX_P HELX_P8 EB GLY B 129 ? SER B 139 ? GLY B 543 SER B 553 1 ? 11 
# 
_struct_conf_type.id          HELX_P 
_struct_conf_type.criteria    ? 
_struct_conf_type.reference   ? 
# 
loop_
_struct_sheet.id 
_struct_sheet.type 
_struct_sheet.number_strands 
_struct_sheet.details 
IA ? 5 ? 
IB ? 5 ? 
# 
loop_
_struct_sheet_order.sheet_id 
_struct_sheet_order.range_id_1 
_struct_sheet_order.range_id_2 
_struct_sheet_order.offset 
_struct_sheet_order.sense 
IA 1 2 ? anti-parallel 
IA 2 3 ? anti-parallel 
IA 3 4 ? parallel      
IA 4 5 ? parallel      
IB 1 2 ? anti-parallel 
IB 2 3 ? anti-parallel 
IB 3 4 ? parallel      
IB 4 5 ? parallel      
# 
loop_
_struct_sheet_range.sheet_id 
_struct_sheet_range.id 
_struct_sheet_range.beg_label_comp_id 
_struct_sheet_range.beg_label_asym_id 
_struct_sheet_range.beg_label_seq_id 
_struct_sheet_range.pdbx_beg_PDB_ins_code 
_struct_sheet_range.end_label_comp_id 
_struct_sheet_range.end_label_asym_id 
_struct_sheet_range.end_label_seq_id 
_struct_sheet_range.pdbx_end_PDB_ins_code 
_struct_sheet_range.beg_auth_comp_id 
_struct_sheet_range.beg_auth_asym_id 
_struct_sheet_range.beg_auth_seq_id 
_struct_sheet_range.end_auth_comp_id 
_struct_sheet_range.end_auth_asym_id 
_struct_sheet_range.end_auth_seq_id 
IA 1 ARG A 49  ? LEU A 55  ? ARG A 463 LEU A 469 
IA 2 LEU A 38  ? THR A 45  ? LEU A 452 THR A 459 
IA 3 GLU A 24  ? ASN A 33  ? GLU A 438 ASN A 447 
IA 4 LEU A 77  ? THR A 83  ? LEU A 491 THR A 497 
IA 5 LYS A 116 ? VAL A 122 ? LYS A 530 VAL A 536 
IB 1 ARG B 49  ? LEU B 55  ? ARG B 463 LEU B 469 
IB 2 LEU B 38  ? THR B 45  ? LEU B 452 THR B 459 
IB 3 GLU B 24  ? ASN B 33  ? GLU B 438 ASN B 447 
IB 4 LEU B 77  ? THR B 83  ? LEU B 491 THR B 497 
IB 5 LYS B 116 ? VAL B 122 ? LYS B 530 VAL B 536 
# 
_pdbx_entry_details.entry_id                 1RDH 
_pdbx_entry_details.compound_details         ? 
_pdbx_entry_details.source_details           ? 
_pdbx_entry_details.nonpolymer_details       ? 
_pdbx_entry_details.sequence_details         
;THIS RECOMBINANT VERSION OF THE HIV-1 RNASE H DOMAIN WAS
PREPARED WITH AN N-TERMINAL SEQUENCE TO SIMPLIFY ISOLATION.
THIS SEQUENCE MET-PRO-ILE-HIS-ASP-HIS-ASP-HIS-PRO-PHE-HIS
-GLY PRECEDING TYR 427 IS COMPLETELY DISORDERED IN THE
CRYSTAL AND NOT INCLUDED IN THIS ENTRY.
;
_pdbx_entry_details.has_ligand_of_interest   ? 
# 
loop_
_pdbx_unobs_or_zero_occ_residues.id 
_pdbx_unobs_or_zero_occ_residues.PDB_model_num 
_pdbx_unobs_or_zero_occ_residues.polymer_flag 
_pdbx_unobs_or_zero_occ_residues.occupancy_flag 
_pdbx_unobs_or_zero_occ_residues.auth_asym_id 
_pdbx_unobs_or_zero_occ_residues.auth_comp_id 
_pdbx_unobs_or_zero_occ_residues.auth_seq_id 
_pdbx_unobs_or_zero_occ_residues.PDB_ins_code 
_pdbx_unobs_or_zero_occ_residues.label_asym_id 
_pdbx_unobs_or_zero_occ_residues.label_comp_id 
_pdbx_unobs_or_zero_occ_residues.label_seq_id 
1  1 Y 1 A MET 415 ? A MET 1   
2  1 Y 1 A PRO 416 ? A PRO 2   
3  1 Y 1 A ILE 417 ? A ILE 3   
4  1 Y 1 A HIS 418 ? A HIS 4   
5  1 Y 1 A ASP 419 ? A ASP 5   
6  1 Y 1 A HIS 420 ? A HIS 6   
7  1 Y 1 A ASP 421 ? A ASP 7   
8  1 Y 1 A HIS 422 ? A HIS 8   
9  1 Y 1 A PRO 423 ? A PRO 9   
10 1 Y 1 A PHE 424 ? A PHE 10  
11 1 Y 1 A HIS 425 ? A HIS 11  
12 1 Y 1 A GLY 426 ? A GLY 12  
13 1 Y 1 A HIS 539 ? A HIS 125 
14 1 Y 1 A LYS 540 ? A LYS 126 
15 1 Y 1 A GLY 541 ? A GLY 127 
16 1 Y 1 A ARG 557 ? A ARG 143 
17 1 Y 1 A LYS 558 ? A LYS 144 
18 1 Y 1 A ILE 559 ? A ILE 145 
19 1 Y 1 A LEU 560 ? A LEU 146 
20 1 Y 1 B MET 415 ? B MET 1   
21 1 Y 1 B PRO 416 ? B PRO 2   
22 1 Y 1 B ILE 417 ? B ILE 3   
23 1 Y 1 B HIS 418 ? B HIS 4   
24 1 Y 1 B ASP 419 ? B ASP 5   
25 1 Y 1 B HIS 420 ? B HIS 6   
26 1 Y 1 B ASP 421 ? B ASP 7   
27 1 Y 1 B HIS 422 ? B HIS 8   
28 1 Y 1 B PRO 423 ? B PRO 9   
29 1 Y 1 B PHE 424 ? B PHE 10  
30 1 Y 1 B HIS 425 ? B HIS 11  
31 1 Y 1 B GLY 426 ? B GLY 12  
32 1 Y 1 B HIS 539 ? B HIS 125 
33 1 Y 1 B LYS 540 ? B LYS 126 
34 1 Y 1 B GLY 541 ? B GLY 127 
35 1 Y 1 B ARG 557 ? B ARG 143 
36 1 Y 1 B LYS 558 ? B LYS 144 
37 1 Y 1 B ILE 559 ? B ILE 145 
38 1 Y 1 B LEU 560 ? B LEU 146 
# 
loop_
_chem_comp_atom.comp_id 
_chem_comp_atom.atom_id 
_chem_comp_atom.type_symbol 
_chem_comp_atom.pdbx_aromatic_flag 
_chem_comp_atom.pdbx_stereo_config 
_chem_comp_atom.pdbx_ordinal 
ALA N    N N N 1   
ALA CA   C N S 2   
ALA C    C N N 3   
ALA O    O N N 4   
ALA CB   C N N 5   
ALA OXT  O N N 6   
ALA H    H N N 7   
ALA H2   H N N 8   
ALA HA   H N N 9   
ALA HB1  H N N 10  
ALA HB2  H N N 11  
ALA HB3  H N N 12  
ALA HXT  H N N 13  
ARG N    N N N 14  
ARG CA   C N S 15  
ARG C    C N N 16  
ARG O    O N N 17  
ARG CB   C N N 18  
ARG CG   C N N 19  
ARG CD   C N N 20  
ARG NE   N N N 21  
ARG CZ   C N N 22  
ARG NH1  N N N 23  
ARG NH2  N N N 24  
ARG OXT  O N N 25  
ARG H    H N N 26  
ARG H2   H N N 27  
ARG HA   H N N 28  
ARG HB2  H N N 29  
ARG HB3  H N N 30  
ARG HG2  H N N 31  
ARG HG3  H N N 32  
ARG HD2  H N N 33  
ARG HD3  H N N 34  
ARG HE   H N N 35  
ARG HH11 H N N 36  
ARG HH12 H N N 37  
ARG HH21 H N N 38  
ARG HH22 H N N 39  
ARG HXT  H N N 40  
ASN N    N N N 41  
ASN CA   C N S 42  
ASN C    C N N 43  
ASN O    O N N 44  
ASN CB   C N N 45  
ASN CG   C N N 46  
ASN OD1  O N N 47  
ASN ND2  N N N 48  
ASN OXT  O N N 49  
ASN H    H N N 50  
ASN H2   H N N 51  
ASN HA   H N N 52  
ASN HB2  H N N 53  
ASN HB3  H N N 54  
ASN HD21 H N N 55  
ASN HD22 H N N 56  
ASN HXT  H N N 57  
ASP N    N N N 58  
ASP CA   C N S 59  
ASP C    C N N 60  
ASP O    O N N 61  
ASP CB   C N N 62  
ASP CG   C N N 63  
ASP OD1  O N N 64  
ASP OD2  O N N 65  
ASP OXT  O N N 66  
ASP H    H N N 67  
ASP H2   H N N 68  
ASP HA   H N N 69  
ASP HB2  H N N 70  
ASP HB3  H N N 71  
ASP HD2  H N N 72  
ASP HXT  H N N 73  
GLN N    N N N 74  
GLN CA   C N S 75  
GLN C    C N N 76  
GLN O    O N N 77  
GLN CB   C N N 78  
GLN CG   C N N 79  
GLN CD   C N N 80  
GLN OE1  O N N 81  
GLN NE2  N N N 82  
GLN OXT  O N N 83  
GLN H    H N N 84  
GLN H2   H N N 85  
GLN HA   H N N 86  
GLN HB2  H N N 87  
GLN HB3  H N N 88  
GLN HG2  H N N 89  
GLN HG3  H N N 90  
GLN HE21 H N N 91  
GLN HE22 H N N 92  
GLN HXT  H N N 93  
GLU N    N N N 94  
GLU CA   C N S 95  
GLU C    C N N 96  
GLU O    O N N 97  
GLU CB   C N N 98  
GLU CG   C N N 99  
GLU CD   C N N 100 
GLU OE1  O N N 101 
GLU OE2  O N N 102 
GLU OXT  O N N 103 
GLU H    H N N 104 
GLU H2   H N N 105 
GLU HA   H N N 106 
GLU HB2  H N N 107 
GLU HB3  H N N 108 
GLU HG2  H N N 109 
GLU HG3  H N N 110 
GLU HE2  H N N 111 
GLU HXT  H N N 112 
GLY N    N N N 113 
GLY CA   C N N 114 
GLY C    C N N 115 
GLY O    O N N 116 
GLY OXT  O N N 117 
GLY H    H N N 118 
GLY H2   H N N 119 
GLY HA2  H N N 120 
GLY HA3  H N N 121 
GLY HXT  H N N 122 
HIS N    N N N 123 
HIS CA   C N S 124 
HIS C    C N N 125 
HIS O    O N N 126 
HIS CB   C N N 127 
HIS CG   C Y N 128 
HIS ND1  N Y N 129 
HIS CD2  C Y N 130 
HIS CE1  C Y N 131 
HIS NE2  N Y N 132 
HIS OXT  O N N 133 
HIS H    H N N 134 
HIS H2   H N N 135 
HIS HA   H N N 136 
HIS HB2  H N N 137 
HIS HB3  H N N 138 
HIS HD1  H N N 139 
HIS HD2  H N N 140 
HIS HE1  H N N 141 
HIS HE2  H N N 142 
HIS HXT  H N N 143 
ILE N    N N N 144 
ILE CA   C N S 145 
ILE C    C N N 146 
ILE O    O N N 147 
ILE CB   C N S 148 
ILE CG1  C N N 149 
ILE CG2  C N N 150 
ILE CD1  C N N 151 
ILE OXT  O N N 152 
ILE H    H N N 153 
ILE H2   H N N 154 
ILE HA   H N N 155 
ILE HB   H N N 156 
ILE HG12 H N N 157 
ILE HG13 H N N 158 
ILE HG21 H N N 159 
ILE HG22 H N N 160 
ILE HG23 H N N 161 
ILE HD11 H N N 162 
ILE HD12 H N N 163 
ILE HD13 H N N 164 
ILE HXT  H N N 165 
LEU N    N N N 166 
LEU CA   C N S 167 
LEU C    C N N 168 
LEU O    O N N 169 
LEU CB   C N N 170 
LEU CG   C N N 171 
LEU CD1  C N N 172 
LEU CD2  C N N 173 
LEU OXT  O N N 174 
LEU H    H N N 175 
LEU H2   H N N 176 
LEU HA   H N N 177 
LEU HB2  H N N 178 
LEU HB3  H N N 179 
LEU HG   H N N 180 
LEU HD11 H N N 181 
LEU HD12 H N N 182 
LEU HD13 H N N 183 
LEU HD21 H N N 184 
LEU HD22 H N N 185 
LEU HD23 H N N 186 
LEU HXT  H N N 187 
LYS N    N N N 188 
LYS CA   C N S 189 
LYS C    C N N 190 
LYS O    O N N 191 
LYS CB   C N N 192 
LYS CG   C N N 193 
LYS CD   C N N 194 
LYS CE   C N N 195 
LYS NZ   N N N 196 
LYS OXT  O N N 197 
LYS H    H N N 198 
LYS H2   H N N 199 
LYS HA   H N N 200 
LYS HB2  H N N 201 
LYS HB3  H N N 202 
LYS HG2  H N N 203 
LYS HG3  H N N 204 
LYS HD2  H N N 205 
LYS HD3  H N N 206 
LYS HE2  H N N 207 
LYS HE3  H N N 208 
LYS HZ1  H N N 209 
LYS HZ2  H N N 210 
LYS HZ3  H N N 211 
LYS HXT  H N N 212 
MET N    N N N 213 
MET CA   C N S 214 
MET C    C N N 215 
MET O    O N N 216 
MET CB   C N N 217 
MET CG   C N N 218 
MET SD   S N N 219 
MET CE   C N N 220 
MET OXT  O N N 221 
MET H    H N N 222 
MET H2   H N N 223 
MET HA   H N N 224 
MET HB2  H N N 225 
MET HB3  H N N 226 
MET HG2  H N N 227 
MET HG3  H N N 228 
MET HE1  H N N 229 
MET HE2  H N N 230 
MET HE3  H N N 231 
MET HXT  H N N 232 
PHE N    N N N 233 
PHE CA   C N S 234 
PHE C    C N N 235 
PHE O    O N N 236 
PHE CB   C N N 237 
PHE CG   C Y N 238 
PHE CD1  C Y N 239 
PHE CD2  C Y N 240 
PHE CE1  C Y N 241 
PHE CE2  C Y N 242 
PHE CZ   C Y N 243 
PHE OXT  O N N 244 
PHE H    H N N 245 
PHE H2   H N N 246 
PHE HA   H N N 247 
PHE HB2  H N N 248 
PHE HB3  H N N 249 
PHE HD1  H N N 250 
PHE HD2  H N N 251 
PHE HE1  H N N 252 
PHE HE2  H N N 253 
PHE HZ   H N N 254 
PHE HXT  H N N 255 
PRO N    N N N 256 
PRO CA   C N S 257 
PRO C    C N N 258 
PRO O    O N N 259 
PRO CB   C N N 260 
PRO CG   C N N 261 
PRO CD   C N N 262 
PRO OXT  O N N 263 
PRO H    H N N 264 
PRO HA   H N N 265 
PRO HB2  H N N 266 
PRO HB3  H N N 267 
PRO HG2  H N N 268 
PRO HG3  H N N 269 
PRO HD2  H N N 270 
PRO HD3  H N N 271 
PRO HXT  H N N 272 
SER N    N N N 273 
SER CA   C N S 274 
SER C    C N N 275 
SER O    O N N 276 
SER CB   C N N 277 
SER OG   O N N 278 
SER OXT  O N N 279 
SER H    H N N 280 
SER H2   H N N 281 
SER HA   H N N 282 
SER HB2  H N N 283 
SER HB3  H N N 284 
SER HG   H N N 285 
SER HXT  H N N 286 
THR N    N N N 287 
THR CA   C N S 288 
THR C    C N N 289 
THR O    O N N 290 
THR CB   C N R 291 
THR OG1  O N N 292 
THR CG2  C N N 293 
THR OXT  O N N 294 
THR H    H N N 295 
THR H2   H N N 296 
THR HA   H N N 297 
THR HB   H N N 298 
THR HG1  H N N 299 
THR HG21 H N N 300 
THR HG22 H N N 301 
THR HG23 H N N 302 
THR HXT  H N N 303 
TRP N    N N N 304 
TRP CA   C N S 305 
TRP C    C N N 306 
TRP O    O N N 307 
TRP CB   C N N 308 
TRP CG   C Y N 309 
TRP CD1  C Y N 310 
TRP CD2  C Y N 311 
TRP NE1  N Y N 312 
TRP CE2  C Y N 313 
TRP CE3  C Y N 314 
TRP CZ2  C Y N 315 
TRP CZ3  C Y N 316 
TRP CH2  C Y N 317 
TRP OXT  O N N 318 
TRP H    H N N 319 
TRP H2   H N N 320 
TRP HA   H N N 321 
TRP HB2  H N N 322 
TRP HB3  H N N 323 
TRP HD1  H N N 324 
TRP HE1  H N N 325 
TRP HE3  H N N 326 
TRP HZ2  H N N 327 
TRP HZ3  H N N 328 
TRP HH2  H N N 329 
TRP HXT  H N N 330 
TYR N    N N N 331 
TYR CA   C N S 332 
TYR C    C N N 333 
TYR O    O N N 334 
TYR CB   C N N 335 
TYR CG   C Y N 336 
TYR CD1  C Y N 337 
TYR CD2  C Y N 338 
TYR CE1  C Y N 339 
TYR CE2  C Y N 340 
TYR CZ   C Y N 341 
TYR OH   O N N 342 
TYR OXT  O N N 343 
TYR H    H N N 344 
TYR H2   H N N 345 
TYR HA   H N N 346 
TYR HB2  H N N 347 
TYR HB3  H N N 348 
TYR HD1  H N N 349 
TYR HD2  H N N 350 
TYR HE1  H N N 351 
TYR HE2  H N N 352 
TYR HH   H N N 353 
TYR HXT  H N N 354 
VAL N    N N N 355 
VAL CA   C N S 356 
VAL C    C N N 357 
VAL O    O N N 358 
VAL CB   C N N 359 
VAL CG1  C N N 360 
VAL CG2  C N N 361 
VAL OXT  O N N 362 
VAL H    H N N 363 
VAL H2   H N N 364 
VAL HA   H N N 365 
VAL HB   H N N 366 
VAL HG11 H N N 367 
VAL HG12 H N N 368 
VAL HG13 H N N 369 
VAL HG21 H N N 370 
VAL HG22 H N N 371 
VAL HG23 H N N 372 
VAL HXT  H N N 373 
# 
loop_
_chem_comp_bond.comp_id 
_chem_comp_bond.atom_id_1 
_chem_comp_bond.atom_id_2 
_chem_comp_bond.value_order 
_chem_comp_bond.pdbx_aromatic_flag 
_chem_comp_bond.pdbx_stereo_config 
_chem_comp_bond.pdbx_ordinal 
ALA N   CA   sing N N 1   
ALA N   H    sing N N 2   
ALA N   H2   sing N N 3   
ALA CA  C    sing N N 4   
ALA CA  CB   sing N N 5   
ALA CA  HA   sing N N 6   
ALA C   O    doub N N 7   
ALA C   OXT  sing N N 8   
ALA CB  HB1  sing N N 9   
ALA CB  HB2  sing N N 10  
ALA CB  HB3  sing N N 11  
ALA OXT HXT  sing N N 12  
ARG N   CA   sing N N 13  
ARG N   H    sing N N 14  
ARG N   H2   sing N N 15  
ARG CA  C    sing N N 16  
ARG CA  CB   sing N N 17  
ARG CA  HA   sing N N 18  
ARG C   O    doub N N 19  
ARG C   OXT  sing N N 20  
ARG CB  CG   sing N N 21  
ARG CB  HB2  sing N N 22  
ARG CB  HB3  sing N N 23  
ARG CG  CD   sing N N 24  
ARG CG  HG2  sing N N 25  
ARG CG  HG3  sing N N 26  
ARG CD  NE   sing N N 27  
ARG CD  HD2  sing N N 28  
ARG CD  HD3  sing N N 29  
ARG NE  CZ   sing N N 30  
ARG NE  HE   sing N N 31  
ARG CZ  NH1  sing N N 32  
ARG CZ  NH2  doub N N 33  
ARG NH1 HH11 sing N N 34  
ARG NH1 HH12 sing N N 35  
ARG NH2 HH21 sing N N 36  
ARG NH2 HH22 sing N N 37  
ARG OXT HXT  sing N N 38  
ASN N   CA   sing N N 39  
ASN N   H    sing N N 40  
ASN N   H2   sing N N 41  
ASN CA  C    sing N N 42  
ASN CA  CB   sing N N 43  
ASN CA  HA   sing N N 44  
ASN C   O    doub N N 45  
ASN C   OXT  sing N N 46  
ASN CB  CG   sing N N 47  
ASN CB  HB2  sing N N 48  
ASN CB  HB3  sing N N 49  
ASN CG  OD1  doub N N 50  
ASN CG  ND2  sing N N 51  
ASN ND2 HD21 sing N N 52  
ASN ND2 HD22 sing N N 53  
ASN OXT HXT  sing N N 54  
ASP N   CA   sing N N 55  
ASP N   H    sing N N 56  
ASP N   H2   sing N N 57  
ASP CA  C    sing N N 58  
ASP CA  CB   sing N N 59  
ASP CA  HA   sing N N 60  
ASP C   O    doub N N 61  
ASP C   OXT  sing N N 62  
ASP CB  CG   sing N N 63  
ASP CB  HB2  sing N N 64  
ASP CB  HB3  sing N N 65  
ASP CG  OD1  doub N N 66  
ASP CG  OD2  sing N N 67  
ASP OD2 HD2  sing N N 68  
ASP OXT HXT  sing N N 69  
GLN N   CA   sing N N 70  
GLN N   H    sing N N 71  
GLN N   H2   sing N N 72  
GLN CA  C    sing N N 73  
GLN CA  CB   sing N N 74  
GLN CA  HA   sing N N 75  
GLN C   O    doub N N 76  
GLN C   OXT  sing N N 77  
GLN CB  CG   sing N N 78  
GLN CB  HB2  sing N N 79  
GLN CB  HB3  sing N N 80  
GLN CG  CD   sing N N 81  
GLN CG  HG2  sing N N 82  
GLN CG  HG3  sing N N 83  
GLN CD  OE1  doub N N 84  
GLN CD  NE2  sing N N 85  
GLN NE2 HE21 sing N N 86  
GLN NE2 HE22 sing N N 87  
GLN OXT HXT  sing N N 88  
GLU N   CA   sing N N 89  
GLU N   H    sing N N 90  
GLU N   H2   sing N N 91  
GLU CA  C    sing N N 92  
GLU CA  CB   sing N N 93  
GLU CA  HA   sing N N 94  
GLU C   O    doub N N 95  
GLU C   OXT  sing N N 96  
GLU CB  CG   sing N N 97  
GLU CB  HB2  sing N N 98  
GLU CB  HB3  sing N N 99  
GLU CG  CD   sing N N 100 
GLU CG  HG2  sing N N 101 
GLU CG  HG3  sing N N 102 
GLU CD  OE1  doub N N 103 
GLU CD  OE2  sing N N 104 
GLU OE2 HE2  sing N N 105 
GLU OXT HXT  sing N N 106 
GLY N   CA   sing N N 107 
GLY N   H    sing N N 108 
GLY N   H2   sing N N 109 
GLY CA  C    sing N N 110 
GLY CA  HA2  sing N N 111 
GLY CA  HA3  sing N N 112 
GLY C   O    doub N N 113 
GLY C   OXT  sing N N 114 
GLY OXT HXT  sing N N 115 
HIS N   CA   sing N N 116 
HIS N   H    sing N N 117 
HIS N   H2   sing N N 118 
HIS CA  C    sing N N 119 
HIS CA  CB   sing N N 120 
HIS CA  HA   sing N N 121 
HIS C   O    doub N N 122 
HIS C   OXT  sing N N 123 
HIS CB  CG   sing N N 124 
HIS CB  HB2  sing N N 125 
HIS CB  HB3  sing N N 126 
HIS CG  ND1  sing Y N 127 
HIS CG  CD2  doub Y N 128 
HIS ND1 CE1  doub Y N 129 
HIS ND1 HD1  sing N N 130 
HIS CD2 NE2  sing Y N 131 
HIS CD2 HD2  sing N N 132 
HIS CE1 NE2  sing Y N 133 
HIS CE1 HE1  sing N N 134 
HIS NE2 HE2  sing N N 135 
HIS OXT HXT  sing N N 136 
ILE N   CA   sing N N 137 
ILE N   H    sing N N 138 
ILE N   H2   sing N N 139 
ILE CA  C    sing N N 140 
ILE CA  CB   sing N N 141 
ILE CA  HA   sing N N 142 
ILE C   O    doub N N 143 
ILE C   OXT  sing N N 144 
ILE CB  CG1  sing N N 145 
ILE CB  CG2  sing N N 146 
ILE CB  HB   sing N N 147 
ILE CG1 CD1  sing N N 148 
ILE CG1 HG12 sing N N 149 
ILE CG1 HG13 sing N N 150 
ILE CG2 HG21 sing N N 151 
ILE CG2 HG22 sing N N 152 
ILE CG2 HG23 sing N N 153 
ILE CD1 HD11 sing N N 154 
ILE CD1 HD12 sing N N 155 
ILE CD1 HD13 sing N N 156 
ILE OXT HXT  sing N N 157 
LEU N   CA   sing N N 158 
LEU N   H    sing N N 159 
LEU N   H2   sing N N 160 
LEU CA  C    sing N N 161 
LEU CA  CB   sing N N 162 
LEU CA  HA   sing N N 163 
LEU C   O    doub N N 164 
LEU C   OXT  sing N N 165 
LEU CB  CG   sing N N 166 
LEU CB  HB2  sing N N 167 
LEU CB  HB3  sing N N 168 
LEU CG  CD1  sing N N 169 
LEU CG  CD2  sing N N 170 
LEU CG  HG   sing N N 171 
LEU CD1 HD11 sing N N 172 
LEU CD1 HD12 sing N N 173 
LEU CD1 HD13 sing N N 174 
LEU CD2 HD21 sing N N 175 
LEU CD2 HD22 sing N N 176 
LEU CD2 HD23 sing N N 177 
LEU OXT HXT  sing N N 178 
LYS N   CA   sing N N 179 
LYS N   H    sing N N 180 
LYS N   H2   sing N N 181 
LYS CA  C    sing N N 182 
LYS CA  CB   sing N N 183 
LYS CA  HA   sing N N 184 
LYS C   O    doub N N 185 
LYS C   OXT  sing N N 186 
LYS CB  CG   sing N N 187 
LYS CB  HB2  sing N N 188 
LYS CB  HB3  sing N N 189 
LYS CG  CD   sing N N 190 
LYS CG  HG2  sing N N 191 
LYS CG  HG3  sing N N 192 
LYS CD  CE   sing N N 193 
LYS CD  HD2  sing N N 194 
LYS CD  HD3  sing N N 195 
LYS CE  NZ   sing N N 196 
LYS CE  HE2  sing N N 197 
LYS CE  HE3  sing N N 198 
LYS NZ  HZ1  sing N N 199 
LYS NZ  HZ2  sing N N 200 
LYS NZ  HZ3  sing N N 201 
LYS OXT HXT  sing N N 202 
MET N   CA   sing N N 203 
MET N   H    sing N N 204 
MET N   H2   sing N N 205 
MET CA  C    sing N N 206 
MET CA  CB   sing N N 207 
MET CA  HA   sing N N 208 
MET C   O    doub N N 209 
MET C   OXT  sing N N 210 
MET CB  CG   sing N N 211 
MET CB  HB2  sing N N 212 
MET CB  HB3  sing N N 213 
MET CG  SD   sing N N 214 
MET CG  HG2  sing N N 215 
MET CG  HG3  sing N N 216 
MET SD  CE   sing N N 217 
MET CE  HE1  sing N N 218 
MET CE  HE2  sing N N 219 
MET CE  HE3  sing N N 220 
MET OXT HXT  sing N N 221 
PHE N   CA   sing N N 222 
PHE N   H    sing N N 223 
PHE N   H2   sing N N 224 
PHE CA  C    sing N N 225 
PHE CA  CB   sing N N 226 
PHE CA  HA   sing N N 227 
PHE C   O    doub N N 228 
PHE C   OXT  sing N N 229 
PHE CB  CG   sing N N 230 
PHE CB  HB2  sing N N 231 
PHE CB  HB3  sing N N 232 
PHE CG  CD1  doub Y N 233 
PHE CG  CD2  sing Y N 234 
PHE CD1 CE1  sing Y N 235 
PHE CD1 HD1  sing N N 236 
PHE CD2 CE2  doub Y N 237 
PHE CD2 HD2  sing N N 238 
PHE CE1 CZ   doub Y N 239 
PHE CE1 HE1  sing N N 240 
PHE CE2 CZ   sing Y N 241 
PHE CE2 HE2  sing N N 242 
PHE CZ  HZ   sing N N 243 
PHE OXT HXT  sing N N 244 
PRO N   CA   sing N N 245 
PRO N   CD   sing N N 246 
PRO N   H    sing N N 247 
PRO CA  C    sing N N 248 
PRO CA  CB   sing N N 249 
PRO CA  HA   sing N N 250 
PRO C   O    doub N N 251 
PRO C   OXT  sing N N 252 
PRO CB  CG   sing N N 253 
PRO CB  HB2  sing N N 254 
PRO CB  HB3  sing N N 255 
PRO CG  CD   sing N N 256 
PRO CG  HG2  sing N N 257 
PRO CG  HG3  sing N N 258 
PRO CD  HD2  sing N N 259 
PRO CD  HD3  sing N N 260 
PRO OXT HXT  sing N N 261 
SER N   CA   sing N N 262 
SER N   H    sing N N 263 
SER N   H2   sing N N 264 
SER CA  C    sing N N 265 
SER CA  CB   sing N N 266 
SER CA  HA   sing N N 267 
SER C   O    doub N N 268 
SER C   OXT  sing N N 269 
SER CB  OG   sing N N 270 
SER CB  HB2  sing N N 271 
SER CB  HB3  sing N N 272 
SER OG  HG   sing N N 273 
SER OXT HXT  sing N N 274 
THR N   CA   sing N N 275 
THR N   H    sing N N 276 
THR N   H2   sing N N 277 
THR CA  C    sing N N 278 
THR CA  CB   sing N N 279 
THR CA  HA   sing N N 280 
THR C   O    doub N N 281 
THR C   OXT  sing N N 282 
THR CB  OG1  sing N N 283 
THR CB  CG2  sing N N 284 
THR CB  HB   sing N N 285 
THR OG1 HG1  sing N N 286 
THR CG2 HG21 sing N N 287 
THR CG2 HG22 sing N N 288 
THR CG2 HG23 sing N N 289 
THR OXT HXT  sing N N 290 
TRP N   CA   sing N N 291 
TRP N   H    sing N N 292 
TRP N   H2   sing N N 293 
TRP CA  C    sing N N 294 
TRP CA  CB   sing N N 295 
TRP CA  HA   sing N N 296 
TRP C   O    doub N N 297 
TRP C   OXT  sing N N 298 
TRP CB  CG   sing N N 299 
TRP CB  HB2  sing N N 300 
TRP CB  HB3  sing N N 301 
TRP CG  CD1  doub Y N 302 
TRP CG  CD2  sing Y N 303 
TRP CD1 NE1  sing Y N 304 
TRP CD1 HD1  sing N N 305 
TRP CD2 CE2  doub Y N 306 
TRP CD2 CE3  sing Y N 307 
TRP NE1 CE2  sing Y N 308 
TRP NE1 HE1  sing N N 309 
TRP CE2 CZ2  sing Y N 310 
TRP CE3 CZ3  doub Y N 311 
TRP CE3 HE3  sing N N 312 
TRP CZ2 CH2  doub Y N 313 
TRP CZ2 HZ2  sing N N 314 
TRP CZ3 CH2  sing Y N 315 
TRP CZ3 HZ3  sing N N 316 
TRP CH2 HH2  sing N N 317 
TRP OXT HXT  sing N N 318 
TYR N   CA   sing N N 319 
TYR N   H    sing N N 320 
TYR N   H2   sing N N 321 
TYR CA  C    sing N N 322 
TYR CA  CB   sing N N 323 
TYR CA  HA   sing N N 324 
TYR C   O    doub N N 325 
TYR C   OXT  sing N N 326 
TYR CB  CG   sing N N 327 
TYR CB  HB2  sing N N 328 
TYR CB  HB3  sing N N 329 
TYR CG  CD1  doub Y N 330 
TYR CG  CD2  sing Y N 331 
TYR CD1 CE1  sing Y N 332 
TYR CD1 HD1  sing N N 333 
TYR CD2 CE2  doub Y N 334 
TYR CD2 HD2  sing N N 335 
TYR CE1 CZ   doub Y N 336 
TYR CE1 HE1  sing N N 337 
TYR CE2 CZ   sing Y N 338 
TYR CE2 HE2  sing N N 339 
TYR CZ  OH   sing N N 340 
TYR OH  HH   sing N N 341 
TYR OXT HXT  sing N N 342 
VAL N   CA   sing N N 343 
VAL N   H    sing N N 344 
VAL N   H2   sing N N 345 
VAL CA  C    sing N N 346 
VAL CA  CB   sing N N 347 
VAL CA  HA   sing N N 348 
VAL C   O    doub N N 349 
VAL C   OXT  sing N N 350 
VAL CB  CG1  sing N N 351 
VAL CB  CG2  sing N N 352 
VAL CB  HB   sing N N 353 
VAL CG1 HG11 sing N N 354 
VAL CG1 HG12 sing N N 355 
VAL CG1 HG13 sing N N 356 
VAL CG2 HG21 sing N N 357 
VAL CG2 HG22 sing N N 358 
VAL CG2 HG23 sing N N 359 
VAL OXT HXT  sing N N 360 
# 
loop_
_pdbx_coordinate_model.asym_id 
_pdbx_coordinate_model.type 
A 'CA ATOMS ONLY' 
B 'CA ATOMS ONLY' 
# 
_atom_sites.entry_id                    1RDH 
_atom_sites.fract_transf_matrix[1][1]   -0.01348975 
_atom_sites.fract_transf_matrix[1][2]   -0.00544135 
_atom_sites.fract_transf_matrix[1][3]   0.01676150 
_atom_sites.fract_transf_matrix[2][1]   0.00818115 
_atom_sites.fract_transf_matrix[2][2]   -0.01006392 
_atom_sites.fract_transf_matrix[2][3]   0.01800876 
_atom_sites.fract_transf_matrix[3][1]   0.00145483 
_atom_sites.fract_transf_matrix[3][2]   0.00782133 
_atom_sites.fract_transf_matrix[3][3]   0.00370992 
_atom_sites.fract_transf_vector[1]      0.375656 
_atom_sites.fract_transf_vector[2]      0.626665 
_atom_sites.fract_transf_vector[3]      0.395170 
# 
_atom_type.symbol   C 
# 
loop_
_atom_site.group_PDB 
_atom_site.id 
_atom_site.type_symbol 
_atom_site.label_atom_id 
_atom_site.label_alt_id 
_atom_site.label_comp_id 
_atom_site.label_asym_id 
_atom_site.label_entity_id 
_atom_site.label_seq_id 
_atom_site.pdbx_PDB_ins_code 
_atom_site.Cartn_x 
_atom_site.Cartn_y 
_atom_site.Cartn_z 
_atom_site.occupancy 
_atom_site.B_iso_or_equiv 
_atom_site.pdbx_formal_charge 
_atom_site.auth_seq_id 
_atom_site.auth_comp_id 
_atom_site.auth_asym_id 
_atom_site.auth_atom_id 
_atom_site.pdbx_PDB_model_num 
ATOM 1   C CA . TYR A 1 13  ? 13.849  -5.972  21.039  1.00 38.62 ? 427 TYR A CA 1 
ATOM 2   C CA . GLN A 1 14  ? 12.883  -2.900  23.010  1.00 40.23 ? 428 GLN A CA 1 
ATOM 3   C CA . LEU A 1 15  ? 9.422   -1.378  22.812  1.00 32.65 ? 429 LEU A CA 1 
ATOM 4   C CA . GLU A 1 16  ? 9.319   2.296   23.852  1.00 28.96 ? 430 GLU A CA 1 
ATOM 5   C CA . LYS A 1 17  ? 7.233   3.809   26.678  1.00 30.42 ? 431 LYS A CA 1 
ATOM 6   C CA . GLU A 1 18  ? 6.222   7.074   24.935  1.00 27.73 ? 432 GLU A CA 1 
ATOM 7   C CA . PRO A 1 19  ? 5.531   8.187   21.361  1.00 22.34 ? 433 PRO A CA 1 
ATOM 8   C CA . ILE A 1 20  ? 8.545   9.149   19.200  1.00 19.41 ? 434 ILE A CA 1 
ATOM 9   C CA . VAL A 1 21  ? 7.824   12.810  18.269  1.00 16.86 ? 435 VAL A CA 1 
ATOM 10  C CA . GLY A 1 22  ? 8.538   13.145  14.571  1.00 18.47 ? 436 GLY A CA 1 
ATOM 11  C CA . ALA A 1 23  ? 8.278   9.385   13.641  1.00 17.80 ? 437 ALA A CA 1 
ATOM 12  C CA . GLU A 1 24  ? 5.415   8.574   11.174  1.00 14.94 ? 438 GLU A CA 1 
ATOM 13  C CA . THR A 1 25  ? 2.416   6.872   12.792  1.00 13.62 ? 439 THR A CA 1 
ATOM 14  C CA . PHE A 1 26  ? 0.230   4.052   11.616  1.00 13.57 ? 440 PHE A CA 1 
ATOM 15  C CA . TYR A 1 27  ? -3.354  3.425   12.481  1.00 17.31 ? 441 TYR A CA 1 
ATOM 16  C CA . VAL A 1 28  ? -3.370  -0.220  11.380  1.00 18.99 ? 442 VAL A CA 1 
ATOM 17  C CA . ASP A 1 29  ? -6.763  -2.076  11.581  1.00 24.09 ? 443 ASP A CA 1 
ATOM 18  C CA . GLY A 1 30  ? -8.304  -5.288  10.289  1.00 26.77 ? 444 GLY A CA 1 
ATOM 19  C CA . ALA A 1 31  ? -11.453 -7.236  9.660   1.00 31.45 ? 445 ALA A CA 1 
ATOM 20  C CA . ALA A 1 32  ? -12.843 -10.604 8.713   1.00 37.06 ? 446 ALA A CA 1 
ATOM 21  C CA . ASN A 1 33  ? -16.286 -11.958 7.888   1.00 44.83 ? 447 ASN A CA 1 
ATOM 22  C CA . ARG A 1 34  ? -16.891 -15.221 9.811   1.00 49.62 ? 448 ARG A CA 1 
ATOM 23  C CA . GLU A 1 35  ? -19.586 -16.127 7.294   1.00 51.78 ? 449 GLU A CA 1 
ATOM 24  C CA . THR A 1 36  ? -16.930 -16.303 4.528   1.00 48.18 ? 450 THR A CA 1 
ATOM 25  C CA . LYS A 1 37  ? -13.346 -16.198 5.896   1.00 45.56 ? 451 LYS A CA 1 
ATOM 26  C CA . LEU A 1 38  ? -12.789 -13.089 3.731   1.00 42.70 ? 452 LEU A CA 1 
ATOM 27  C CA . GLY A 1 39  ? -11.254 -9.898  5.076   1.00 37.10 ? 453 GLY A CA 1 
ATOM 28  C CA . LYS A 1 40  ? -9.049  -6.862  4.814   1.00 30.43 ? 454 LYS A CA 1 
ATOM 29  C CA . ALA A 1 41  ? -5.830  -5.811  6.561   1.00 24.20 ? 455 ALA A CA 1 
ATOM 30  C CA . GLY A 1 42  ? -4.775  -2.143  6.267   1.00 24.91 ? 456 GLY A CA 1 
ATOM 31  C CA . TYR A 1 43  ? -3.400  1.082   7.712   1.00 21.69 ? 457 TYR A CA 1 
ATOM 32  C CA . VAL A 1 44  ? -3.362  4.871   7.254   1.00 20.78 ? 458 VAL A CA 1 
ATOM 33  C CA . THR A 1 45  ? -0.776  7.293   8.746   1.00 18.50 ? 459 THR A CA 1 
ATOM 34  C CA . ASN A 1 46  ? -0.288  10.911  9.703   1.00 21.40 ? 460 ASN A CA 1 
ATOM 35  C CA . LYS A 1 47  ? 1.839   11.518  6.610   1.00 22.74 ? 461 LYS A CA 1 
ATOM 36  C CA . GLY A 1 48  ? -1.179  10.597  4.324   1.00 20.79 ? 462 GLY A CA 1 
ATOM 37  C CA . ARG A 1 49  ? -0.108  7.080   3.163   1.00 19.96 ? 463 ARG A CA 1 
ATOM 38  C CA . GLN A 1 50  ? -2.473  4.100   3.286   1.00 19.84 ? 464 GLN A CA 1 
ATOM 39  C CA . LYS A 1 51  ? -2.703  0.452   2.337   1.00 19.11 ? 465 LYS A CA 1 
ATOM 40  C CA . VAL A 1 52  ? -5.420  -2.129  2.051   1.00 21.37 ? 466 VAL A CA 1 
ATOM 41  C CA . VAL A 1 53  ? -4.751  -5.781  1.299   1.00 24.97 ? 467 VAL A CA 1 
ATOM 42  C CA . PRO A 1 54  ? -7.582  -8.286  0.937   1.00 26.30 ? 468 PRO A CA 1 
ATOM 43  C CA . LEU A 1 55  ? -7.218  -11.661 2.525   1.00 29.78 ? 469 LEU A CA 1 
ATOM 44  C CA . THR A 1 56  ? -8.982  -15.011 2.101   1.00 36.86 ? 470 THR A CA 1 
ATOM 45  C CA . ASN A 1 57  ? -9.586  -17.514 4.883   1.00 41.40 ? 471 ASN A CA 1 
ATOM 46  C CA . THR A 1 58  ? -8.577  -15.500 7.933   1.00 37.59 ? 472 THR A CA 1 
ATOM 47  C CA . THR A 1 59  ? -10.032 -14.298 11.298  1.00 36.50 ? 473 THR A CA 1 
ATOM 48  C CA . ASN A 1 60  ? -10.267 -10.870 12.963  1.00 32.40 ? 474 ASN A CA 1 
ATOM 49  C CA . GLN A 1 61  ? -7.220  -11.729 15.001  1.00 29.86 ? 475 GLN A CA 1 
ATOM 50  C CA . LYS A 1 62  ? -4.903  -12.586 12.130  1.00 30.68 ? 476 LYS A CA 1 
ATOM 51  C CA . THR A 1 63  ? -6.053  -9.501  10.200  1.00 26.79 ? 477 THR A CA 1 
ATOM 52  C CA . GLU A 1 64  ? -4.999  -7.396  13.185  1.00 25.85 ? 478 GLU A CA 1 
ATOM 53  C CA . LEU A 1 65  ? -1.526  -9.001  13.324  1.00 24.65 ? 479 LEU A CA 1 
ATOM 54  C CA . GLN A 1 66  ? -1.750  -8.754  9.582   1.00 24.38 ? 480 GLN A CA 1 
ATOM 55  C CA . ALA A 1 67  ? -2.062  -4.987  9.910   1.00 18.66 ? 481 ALA A CA 1 
ATOM 56  C CA . ILE A 1 68  ? 0.793   -4.681  12.444  1.00 16.46 ? 482 ILE A CA 1 
ATOM 57  C CA . TYR A 1 69  ? 3.009   -6.529  9.925   1.00 20.64 ? 483 TYR A CA 1 
ATOM 58  C CA . LEU A 1 70  ? 2.229   -4.209  6.993   1.00 18.37 ? 484 LEU A CA 1 
ATOM 59  C CA . ALA A 1 71  ? 3.037   -1.172  9.215   1.00 19.27 ? 485 ALA A CA 1 
ATOM 60  C CA . LEU A 1 72  ? 6.278   -2.807  10.360  1.00 20.86 ? 486 LEU A CA 1 
ATOM 61  C CA . GLN A 1 73  ? 6.809   -3.543  6.651   1.00 25.64 ? 487 GLN A CA 1 
ATOM 62  C CA . ASP A 1 74  ? 6.400   -0.131  4.978   1.00 26.02 ? 488 ASP A CA 1 
ATOM 63  C CA . SER A 1 75  ? 7.933   1.806   7.824   1.00 26.53 ? 489 SER A CA 1 
ATOM 64  C CA . GLY A 1 76  ? 11.451  3.141   8.560   1.00 25.39 ? 490 GLY A CA 1 
ATOM 65  C CA . LEU A 1 77  ? 13.688  2.585   11.600  1.00 25.22 ? 491 LEU A CA 1 
ATOM 66  C CA . GLU A 1 78  ? 11.379  4.372   14.050  1.00 22.52 ? 492 GLU A CA 1 
ATOM 67  C CA . VAL A 1 79  ? 7.573   3.859   13.905  1.00 13.39 ? 493 VAL A CA 1 
ATOM 68  C CA . ASN A 1 80  ? 4.555   4.555   16.126  1.00 11.83 ? 494 ASN A CA 1 
ATOM 69  C CA . ILE A 1 81  ? 1.688   2.076   15.672  1.00 11.96 ? 495 ILE A CA 1 
ATOM 70  C CA . VAL A 1 82  ? -1.829  2.385   17.033  1.00 14.09 ? 496 VAL A CA 1 
ATOM 71  C CA . THR A 1 83  ? -3.977  -0.698  17.289  1.00 17.99 ? 497 THR A CA 1 
ATOM 72  C CA . ASP A 1 84  ? -7.377  -1.347  18.886  1.00 19.09 ? 498 ASP A CA 1 
ATOM 73  C CA . SER A 1 85  ? -6.327  -4.932  19.588  1.00 15.87 ? 499 SER A CA 1 
ATOM 74  C CA . GLN A 1 86  ? -5.663  -6.446  22.933  1.00 12.62 ? 500 GLN A CA 1 
ATOM 75  C CA . TYR A 1 87  ? -4.793  -9.876  21.288  1.00 14.05 ? 501 TYR A CA 1 
ATOM 76  C CA . ALA A 1 88  ? -1.958  -8.359  19.159  1.00 17.23 ? 502 ALA A CA 1 
ATOM 77  C CA . LEU A 1 89  ? -0.690  -6.082  21.934  1.00 20.54 ? 503 LEU A CA 1 
ATOM 78  C CA . GLY A 1 90  ? -0.086  -9.049  24.236  1.00 19.10 ? 504 GLY A CA 1 
ATOM 79  C CA . ILE A 1 91  ? 1.845   -11.254 21.791  1.00 18.99 ? 505 ILE A CA 1 
ATOM 80  C CA . ILE A 1 92  ? 4.102   -8.312  21.098  1.00 20.32 ? 506 ILE A CA 1 
ATOM 81  C CA . GLN A 1 93  ? 4.628   -6.935  24.599  1.00 23.09 ? 507 GLN A CA 1 
ATOM 82  C CA . ALA A 1 94  ? 5.466   -10.426 25.891  1.00 26.84 ? 508 ALA A CA 1 
ATOM 83  C CA . GLN A 1 95  ? 8.530   -10.366 23.615  1.00 32.39 ? 509 GLN A CA 1 
ATOM 84  C CA . PRO A 1 96  ? 8.504   -14.003 22.587  1.00 34.74 ? 510 PRO A CA 1 
ATOM 85  C CA . ASP A 1 97  ? 11.858  -15.443 21.434  1.00 38.40 ? 511 ASP A CA 1 
ATOM 86  C CA . LYS A 1 98  ? 9.921   -17.457 18.759  1.00 36.39 ? 512 LYS A CA 1 
ATOM 87  C CA . SER A 1 99  ? 6.269   -18.657 18.416  1.00 35.55 ? 513 SER A CA 1 
ATOM 88  C CA . GLU A 1 100 ? 4.513   -21.562 16.658  1.00 38.66 ? 514 GLU A CA 1 
ATOM 89  C CA . SER A 1 101 ? 3.102   -18.731 14.664  1.00 36.10 ? 515 SER A CA 1 
ATOM 90  C CA . GLU A 1 102 ? 4.128   -17.627 11.257  1.00 34.13 ? 516 GLU A CA 1 
ATOM 91  C CA . LEU A 1 103 ? 2.888   -14.040 11.308  1.00 28.54 ? 517 LEU A CA 1 
ATOM 92  C CA . VAL A 1 104 ? 4.351   -13.512 14.742  1.00 26.11 ? 518 VAL A CA 1 
ATOM 93  C CA . ASN A 1 105 ? 7.793   -14.913 13.884  1.00 29.75 ? 519 ASN A CA 1 
ATOM 94  C CA . GLN A 1 106 ? 7.534   -12.415 11.078  1.00 28.80 ? 520 GLN A CA 1 
ATOM 95  C CA . ILE A 1 107 ? 6.376   -9.479  13.157  1.00 26.78 ? 521 ILE A CA 1 
ATOM 96  C CA . ILE A 1 108 ? 9.072   -10.409 15.624  1.00 28.35 ? 522 ILE A CA 1 
ATOM 97  C CA . GLU A 1 109 ? 11.583  -10.434 12.785  1.00 34.71 ? 523 GLU A CA 1 
ATOM 98  C CA . GLN A 1 110 ? 10.604  -6.892  11.827  1.00 33.39 ? 524 GLN A CA 1 
ATOM 99  C CA . LEU A 1 111 ? 10.609  -5.744  15.442  1.00 34.19 ? 525 LEU A CA 1 
ATOM 100 C CA . ILE A 1 112 ? 14.323  -6.387  16.044  1.00 36.65 ? 526 ILE A CA 1 
ATOM 101 C CA . LYS A 1 113 ? 15.415  -4.891  12.747  1.00 37.93 ? 527 LYS A CA 1 
ATOM 102 C CA . LYS A 1 114 ? 13.981  -1.499  13.941  1.00 30.88 ? 528 LYS A CA 1 
ATOM 103 C CA . GLU A 1 115 ? 15.673  1.332   15.802  1.00 30.19 ? 529 GLU A CA 1 
ATOM 104 C CA . LYS A 1 116 ? 12.722  2.423   17.949  1.00 25.53 ? 530 LYS A CA 1 
ATOM 105 C CA . VAL A 1 117 ? 9.110   1.322   18.048  1.00 19.80 ? 531 VAL A CA 1 
ATOM 106 C CA . TYR A 1 118 ? 6.056   2.509   19.958  1.00 12.79 ? 532 TYR A CA 1 
ATOM 107 C CA . LEU A 1 119 ? 2.857   0.452   19.902  1.00 11.84 ? 533 LEU A CA 1 
ATOM 108 C CA . ALA A 1 120 ? -0.195  1.726   21.714  1.00 14.03 ? 534 ALA A CA 1 
ATOM 109 C CA . TRP A 1 121 ? -3.705  0.464   22.054  1.00 20.60 ? 535 TRP A CA 1 
ATOM 110 C CA . VAL A 1 122 ? -6.809  2.610   21.562  1.00 25.55 ? 536 VAL A CA 1 
ATOM 111 C CA . PRO A 1 123 ? -10.282 1.118   21.862  1.00 32.77 ? 537 PRO A CA 1 
ATOM 112 C CA . ALA A 1 124 ? -12.275 0.978   18.656  1.00 44.26 ? 538 ALA A CA 1 
ATOM 113 C CA . ILE A 1 128 ? -10.670 8.804   17.532  1.00 52.61 ? 542 ILE A CA 1 
ATOM 114 C CA . GLY A 1 129 ? -8.384  10.218  14.851  1.00 47.99 ? 543 GLY A CA 1 
ATOM 115 C CA . GLY A 1 130 ? -6.950  8.051   12.132  1.00 46.67 ? 544 GLY A CA 1 
ATOM 116 C CA . ASN A 1 131 ? -7.869  4.853   13.904  1.00 46.36 ? 545 ASN A CA 1 
ATOM 117 C CA . GLU A 1 132 ? -11.445 5.303   12.741  1.00 48.30 ? 546 GLU A CA 1 
ATOM 118 C CA . GLN A 1 133 ? -10.316 6.376   9.258   1.00 44.44 ? 547 GLN A CA 1 
ATOM 119 C CA . VAL A 1 134 ? -8.602  3.006   8.883   1.00 41.55 ? 548 VAL A CA 1 
ATOM 120 C CA . ASP A 1 135 ? -11.584 1.531   10.628  1.00 44.16 ? 549 ASP A CA 1 
ATOM 121 C CA . LYS A 1 136 ? -13.619 2.123   7.464   1.00 44.32 ? 550 LYS A CA 1 
ATOM 122 C CA . LEU A 1 137 ? -11.179 0.981   4.727   1.00 42.03 ? 551 LEU A CA 1 
ATOM 123 C CA . VAL A 1 138 ? -11.116 -2.478  6.238   1.00 42.76 ? 552 VAL A CA 1 
ATOM 124 C CA . SER A 1 139 ? -14.718 -3.000  7.319   1.00 44.33 ? 553 SER A CA 1 
ATOM 125 C CA . ALA A 1 140 ? -15.519 -2.242  3.618   1.00 44.77 ? 554 ALA A CA 1 
ATOM 126 C CA . GLY A 1 141 ? -17.129 -5.109  1.788   1.00 45.31 ? 555 GLY A CA 1 
ATOM 127 C CA . ILE A 1 142 ? -16.919 -7.059  5.092   1.00 44.06 ? 556 ILE A CA 1 
ATOM 128 C CA . TYR B 1 13  ? 9.191   -6.675  -22.532 1.00 27.93 ? 427 TYR B CA 1 
ATOM 129 C CA . GLN B 1 14  ? 6.133   -6.869  -24.832 1.00 32.34 ? 428 GLN B CA 1 
ATOM 130 C CA . LEU B 1 15  ? 2.725   -5.433  -24.040 1.00 27.68 ? 429 LEU B CA 1 
ATOM 131 C CA . GLU B 1 16  ? -0.256  -7.655  -24.578 1.00 25.87 ? 430 GLU B CA 1 
ATOM 132 C CA . LYS B 1 17  ? -2.801  -6.012  -26.877 1.00 24.40 ? 431 LYS B CA 1 
ATOM 133 C CA . GLU B 1 18  ? -5.519  -7.441  -24.607 1.00 25.15 ? 432 GLU B CA 1 
ATOM 134 C CA . PRO B 1 19  ? -6.666  -7.766  -21.028 1.00 19.07 ? 433 PRO B CA 1 
ATOM 135 C CA . ILE B 1 20  ? -4.998  -10.862 -19.567 1.00 15.12 ? 434 ILE B CA 1 
ATOM 136 C CA . VAL B 1 21  ? -7.736  -13.240 -18.292 1.00 14.86 ? 435 VAL B CA 1 
ATOM 137 C CA . GLY B 1 22  ? -6.885  -14.033 -14.652 1.00 15.77 ? 436 GLY B CA 1 
ATOM 138 C CA . ALA B 1 23  ? -4.623  -11.083 -13.872 1.00 11.24 ? 437 ALA B CA 1 
ATOM 139 C CA . GLU B 1 24  ? -5.852  -8.462  -11.389 1.00 11.83 ? 438 GLU B CA 1 
ATOM 140 C CA . THR B 1 25  ? -6.165  -4.946  -12.840 1.00 12.72 ? 439 THR B CA 1 
ATOM 141 C CA . PHE B 1 26  ? -4.617  -1.914  -11.125 1.00 11.52 ? 440 PHE B CA 1 
ATOM 142 C CA . TYR B 1 27  ? -6.143  1.522   -11.835 1.00 12.60 ? 441 TYR B CA 1 
ATOM 143 C CA . VAL B 1 28  ? -3.122  3.834   -11.099 1.00 16.52 ? 442 VAL B CA 1 
ATOM 144 C CA . ASP B 1 29  ? -3.407  7.643   -10.803 1.00 20.89 ? 443 ASP B CA 1 
ATOM 145 C CA . GLY B 1 30  ? -1.334  10.477  -9.423  1.00 25.30 ? 444 GLY B CA 1 
ATOM 146 C CA . ALA B 1 31  ? -1.826  14.167  -8.749  1.00 29.60 ? 445 ALA B CA 1 
ATOM 147 C CA . ALA B 1 32  ? 0.257   17.234  -7.900  1.00 35.78 ? 446 ALA B CA 1 
ATOM 148 C CA . ASN B 1 33  ? -0.023  20.831  -6.802  1.00 43.15 ? 447 ASN B CA 1 
ATOM 149 C CA . ARG B 1 34  ? 1.530   23.611  -8.952  1.00 46.49 ? 448 ARG B CA 1 
ATOM 150 C CA . GLU B 1 35  ? 1.611   25.719  -5.834  1.00 48.64 ? 449 GLU B CA 1 
ATOM 151 C CA . THR B 1 36  ? 3.344   23.464  -3.289  1.00 45.51 ? 450 THR B CA 1 
ATOM 152 C CA . LYS B 1 37  ? 4.894   20.805  -5.487  1.00 42.26 ? 451 LYS B CA 1 
ATOM 153 C CA . LEU B 1 38  ? 3.483   18.158  -3.110  1.00 38.46 ? 452 LEU B CA 1 
ATOM 154 C CA . GLY B 1 39  ? 1.617   15.018  -4.164  1.00 33.83 ? 453 GLY B CA 1 
ATOM 155 C CA . LYS B 1 40  ? 0.066   11.591  -4.006  1.00 27.55 ? 454 LYS B CA 1 
ATOM 156 C CA . ALA B 1 41  ? 0.695   8.482   -6.156  1.00 20.76 ? 455 ALA B CA 1 
ATOM 157 C CA . GLY B 1 42  ? -1.251  5.151   -5.761  1.00 18.41 ? 456 GLY B CA 1 
ATOM 158 C CA . TYR B 1 43  ? -3.674  2.539   -7.148  1.00 15.47 ? 457 TYR B CA 1 
ATOM 159 C CA . VAL B 1 44  ? -6.804  0.530   -6.361  1.00 20.14 ? 458 VAL B CA 1 
ATOM 160 C CA . THR B 1 45  ? -7.480  -2.889  -8.038  1.00 20.47 ? 459 THR B CA 1 
ATOM 161 C CA . ASN B 1 46  ? -10.599 -5.041  -8.636  1.00 20.95 ? 460 ASN B CA 1 
ATOM 162 C CA . LYS B 1 47  ? -9.604  -7.492  -5.875  1.00 23.60 ? 461 LYS B CA 1 
ATOM 163 C CA . GLY B 1 48  ? -10.057 -4.367  -3.766  1.00 21.27 ? 462 GLY B CA 1 
ATOM 164 C CA . ARG B 1 49  ? -6.445  -3.914  -2.595  1.00 19.87 ? 463 ARG B CA 1 
ATOM 165 C CA . GLN B 1 50  ? -5.295  -0.257  -2.810  1.00 20.09 ? 464 GLN B CA 1 
ATOM 166 C CA . LYS B 1 51  ? -2.567  2.183   -1.855  1.00 16.15 ? 465 LYS B CA 1 
ATOM 167 C CA . VAL B 1 52  ? -1.431  5.791   -1.549  1.00 18.03 ? 466 VAL B CA 1 
ATOM 168 C CA . VAL B 1 53  ? 2.115   7.154   -1.183  1.00 21.25 ? 467 VAL B CA 1 
ATOM 169 C CA . PRO B 1 54  ? 2.694   10.797  -0.365  1.00 24.53 ? 468 PRO B CA 1 
ATOM 170 C CA . LEU B 1 55  ? 5.377   12.318  -2.519  1.00 28.39 ? 469 LEU B CA 1 
ATOM 171 C CA . THR B 1 56  ? 7.410   15.510  -2.082  1.00 34.09 ? 470 THR B CA 1 
ATOM 172 C CA . ASN B 1 57  ? 8.696   18.039  -4.615  1.00 34.92 ? 471 ASN B CA 1 
ATOM 173 C CA . THR B 1 58  ? 7.488   16.332  -7.758  1.00 35.12 ? 472 THR B CA 1 
ATOM 174 C CA . THR B 1 59  ? 5.106   17.155  -10.630 1.00 35.56 ? 473 THR B CA 1 
ATOM 175 C CA . ASN B 1 60  ? 1.916   15.738  -12.146 1.00 35.28 ? 474 ASN B CA 1 
ATOM 176 C CA . GLN B 1 61  ? 3.912   13.759  -14.755 1.00 33.41 ? 475 GLN B CA 1 
ATOM 177 C CA . LYS B 1 62  ? 6.261   12.106  -12.184 1.00 31.08 ? 476 LYS B CA 1 
ATOM 178 C CA . THR B 1 63  ? 3.358   11.120  -9.852  1.00 26.51 ? 477 THR B CA 1 
ATOM 179 C CA . GLU B 1 64  ? 1.790   9.546   -12.895 1.00 23.53 ? 478 GLU B CA 1 
ATOM 180 C CA . LEU B 1 65  ? 4.786   7.365   -13.395 1.00 21.61 ? 479 LEU B CA 1 
ATOM 181 C CA . GLN B 1 66  ? 5.121   6.495   -9.719  1.00 21.40 ? 480 GLN B CA 1 
ATOM 182 C CA . ALA B 1 67  ? 1.622   5.057   -9.796  1.00 16.94 ? 481 ALA B CA 1 
ATOM 183 C CA . ILE B 1 68  ? 2.565   2.738   -12.655 1.00 16.03 ? 482 ILE B CA 1 
ATOM 184 C CA . TYR B 1 69  ? 5.676   1.822   -10.759 1.00 18.50 ? 483 TYR B CA 1 
ATOM 185 C CA . LEU B 1 70  ? 3.692   1.035   -7.613  1.00 16.92 ? 484 LEU B CA 1 
ATOM 186 C CA . ALA B 1 71  ? 1.520   -1.427  -9.582  1.00 16.67 ? 485 ALA B CA 1 
ATOM 187 C CA . LEU B 1 72  ? 4.490   -2.933  -11.417 1.00 16.36 ? 486 LEU B CA 1 
ATOM 188 C CA . GLN B 1 73  ? 5.952   -3.288  -7.944  1.00 20.20 ? 487 GLN B CA 1 
ATOM 189 C CA . ASP B 1 74  ? 3.043   -4.981  -6.066  1.00 19.33 ? 488 ASP B CA 1 
ATOM 190 C CA . SER B 1 75  ? 1.818   -7.132  -8.837  1.00 19.60 ? 489 SER B CA 1 
ATOM 191 C CA . GLY B 1 76  ? 2.668   -10.695 -9.768  1.00 20.00 ? 490 GLY B CA 1 
ATOM 192 C CA . LEU B 1 77  ? 4.053   -11.919 -13.095 1.00 20.19 ? 491 LEU B CA 1 
ATOM 193 C CA . GLU B 1 78  ? 0.839   -10.886 -14.857 1.00 18.89 ? 492 GLU B CA 1 
ATOM 194 C CA . VAL B 1 79  ? -0.750  -7.440  -14.457 1.00 14.84 ? 493 VAL B CA 1 
ATOM 195 C CA . ASN B 1 80  ? -3.332  -5.303  -16.334 1.00 13.54 ? 494 ASN B CA 1 
ATOM 196 C CA . ILE B 1 81  ? -2.414  -1.606  -15.669 1.00 11.89 ? 495 ILE B CA 1 
ATOM 197 C CA . VAL B 1 82  ? -4.997  1.189   -16.428 1.00 16.45 ? 496 VAL B CA 1 
ATOM 198 C CA . THR B 1 83  ? -3.785  4.775   -16.407 1.00 18.44 ? 497 THR B CA 1 
ATOM 199 C CA . ASP B 1 84  ? -5.117  8.121   -17.559 1.00 21.12 ? 498 ASP B CA 1 
ATOM 200 C CA . SER B 1 85  ? -1.610  9.315   -18.553 1.00 18.47 ? 499 SER B CA 1 
ATOM 201 C CA . GLN B 1 86  ? -0.774  9.662   -22.245 1.00 17.18 ? 500 GLN B CA 1 
ATOM 202 C CA . TYR B 1 87  ? 2.684   10.780  -21.034 1.00 14.05 ? 501 TYR B CA 1 
ATOM 203 C CA . ALA B 1 88  ? 3.204   7.452   -19.276 1.00 14.44 ? 502 ALA B CA 1 
ATOM 204 C CA . LEU B 1 89  ? 1.604   5.548   -22.146 1.00 16.10 ? 503 LEU B CA 1 
ATOM 205 C CA . GLY B 1 90  ? 4.091   7.147   -24.520 1.00 18.75 ? 504 GLY B CA 1 
ATOM 206 C CA . ILE B 1 91  ? 7.381   6.273   -22.802 1.00 21.69 ? 505 ILE B CA 1 
ATOM 207 C CA . ILE B 1 92  ? 5.961   2.861   -21.954 1.00 22.65 ? 506 ILE B CA 1 
ATOM 208 C CA . GLN B 1 93  ? 4.733   2.053   -25.456 1.00 25.84 ? 507 GLN B CA 1 
ATOM 209 C CA . ALA B 1 94  ? 8.180   2.894   -27.023 1.00 30.40 ? 508 ALA B CA 1 
ATOM 210 C CA . GLN B 1 95  ? 10.027  0.072   -25.253 1.00 34.00 ? 509 GLN B CA 1 
ATOM 211 C CA . PRO B 1 96  ? 13.035  2.211   -24.470 1.00 35.08 ? 510 PRO B CA 1 
ATOM 212 C CA . ASP B 1 97  ? 16.191  0.178   -23.818 1.00 38.65 ? 511 ASP B CA 1 
ATOM 213 C CA . LYS B 1 98  ? 17.220  2.793   -21.283 1.00 40.43 ? 512 LYS B CA 1 
ATOM 214 C CA . SER B 1 99  ? 16.305  6.401   -20.302 1.00 38.55 ? 513 SER B CA 1 
ATOM 215 C CA . GLU B 1 100 ? 17.990  9.289   -18.507 1.00 40.30 ? 514 GLU B CA 1 
ATOM 216 C CA . SER B 1 101 ? 15.164  9.254   -15.977 1.00 36.72 ? 515 SER B CA 1 
ATOM 217 C CA . GLU B 1 102 ? 15.887  6.604   -13.283 1.00 37.78 ? 516 GLU B CA 1 
ATOM 218 C CA . LEU B 1 103 ? 12.177  6.725   -12.527 1.00 30.55 ? 517 LEU B CA 1 
ATOM 219 C CA . VAL B 1 104 ? 11.754  5.264   -16.004 1.00 27.95 ? 518 VAL B CA 1 
ATOM 220 C CA . ASN B 1 105 ? 14.732  2.982   -15.764 1.00 31.41 ? 519 ASN B CA 1 
ATOM 221 C CA . GLN B 1 106 ? 12.964  1.809   -12.585 1.00 32.21 ? 520 GLN B CA 1 
ATOM 222 C CA . ILE B 1 107 ? 9.847   1.097   -14.597 1.00 31.11 ? 521 ILE B CA 1 
ATOM 223 C CA . ILE B 1 108 ? 11.583  -0.959  -17.357 1.00 33.78 ? 522 ILE B CA 1 
ATOM 224 C CA . GLU B 1 109 ? 13.770  -2.950  -14.926 1.00 34.22 ? 523 GLU B CA 1 
ATOM 225 C CA . GLN B 1 110 ? 10.284  -3.942  -13.637 1.00 29.33 ? 524 GLN B CA 1 
ATOM 226 C CA . LEU B 1 111 ? 8.523   -4.403  -16.969 1.00 27.12 ? 525 LEU B CA 1 
ATOM 227 C CA . ILE B 1 112 ? 11.173  -6.848  -18.110 1.00 29.03 ? 526 ILE B CA 1 
ATOM 228 C CA . LYS B 1 113 ? 10.769  -8.948  -15.040 1.00 28.00 ? 527 LYS B CA 1 
ATOM 229 C CA . LYS B 1 114 ? 7.052   -9.644  -15.828 1.00 25.10 ? 528 LYS B CA 1 
ATOM 230 C CA . GLU B 1 115 ? 5.515   -12.531 -17.706 1.00 26.53 ? 529 GLU B CA 1 
ATOM 231 C CA . LYS B 1 116 ? 2.753   -10.531 -19.263 1.00 23.46 ? 530 LYS B CA 1 
ATOM 232 C CA . VAL B 1 117 ? 1.768   -6.858  -19.034 1.00 20.59 ? 531 VAL B CA 1 
ATOM 233 C CA . TYR B 1 118 ? -1.210  -5.074  -20.675 1.00 17.37 ? 532 TYR B CA 1 
ATOM 234 C CA . LEU B 1 119 ? -1.303  -1.254  -20.267 1.00 19.18 ? 533 LEU B CA 1 
ATOM 235 C CA . ALA B 1 120 ? -4.493  0.620   -21.239 1.00 20.04 ? 534 ALA B CA 1 
ATOM 236 C CA . TRP B 1 121 ? -5.380  4.296   -21.328 1.00 27.16 ? 535 TRP B CA 1 
ATOM 237 C CA . VAL B 1 122 ? -8.682  5.690   -20.081 1.00 31.00 ? 536 VAL B CA 1 
ATOM 238 C CA . PRO B 1 123 ? -9.447  9.462   -20.310 1.00 35.46 ? 537 PRO B CA 1 
ATOM 239 C CA . ALA B 1 124 ? -9.681  11.334  -16.992 1.00 39.49 ? 538 ALA B CA 1 
ATOM 240 C CA . ILE B 1 128 ? -14.962 5.157   -14.989 1.00 46.24 ? 542 ILE B CA 1 
ATOM 241 C CA . GLY B 1 129 ? -15.384 3.557   -11.568 1.00 44.80 ? 543 GLY B CA 1 
ATOM 242 C CA . GLY B 1 130 ? -11.891 2.186   -11.125 1.00 41.87 ? 544 GLY B CA 1 
ATOM 243 C CA . ASN B 1 131 ? -10.126 5.357   -12.341 1.00 41.67 ? 545 ASN B CA 1 
ATOM 244 C CA . GLU B 1 132 ? -12.746 7.404   -10.460 1.00 43.44 ? 546 GLU B CA 1 
ATOM 245 C CA . GLN B 1 133 ? -12.424 5.726   -7.082  1.00 43.65 ? 547 GLN B CA 1 
ATOM 246 C CA . VAL B 1 134 ? -8.640  6.035   -7.567  1.00 39.86 ? 548 VAL B CA 1 
ATOM 247 C CA . ASP B 1 135 ? -8.503  9.715   -8.604  1.00 41.74 ? 549 ASP B CA 1 
ATOM 248 C CA . LYS B 1 136 ? -10.388 10.423  -5.461  1.00 43.03 ? 550 LYS B CA 1 
ATOM 249 C CA . LEU B 1 137 ? -7.708  9.005   -3.111  1.00 39.66 ? 551 LEU B CA 1 
ATOM 250 C CA . VAL B 1 138 ? -4.799  10.577  -4.874  1.00 40.00 ? 552 VAL B CA 1 
ATOM 251 C CA . SER B 1 139 ? -6.423  13.953  -5.294  1.00 43.56 ? 553 SER B CA 1 
ATOM 252 C CA . ALA B 1 140 ? -7.352  13.920  -1.598  1.00 45.81 ? 554 ALA B CA 1 
ATOM 253 C CA . GLY B 1 141 ? -6.222  17.190  -0.121  1.00 49.21 ? 555 GLY B CA 1 
ATOM 254 C CA . ILE B 1 142 ? -4.270  18.493  -3.142  1.00 50.49 ? 556 ILE B CA 1 
# 
